data_5L0Y
#
_entry.id   5L0Y
#
_cell.length_a   76.504
_cell.length_b   118.535
_cell.length_c   164.049
_cell.angle_alpha   90.00
_cell.angle_beta   90.00
_cell.angle_gamma   90.00
#
_symmetry.space_group_name_H-M   'P 21 21 2'
#
loop_
_entity.id
_entity.type
_entity.pdbx_description
1 polymer 'Sec72-ssa1 c-terminal peptide fusion protein'
2 polymer PRO-THR-VAL-GLU-GLU-VAL-ASP
#
loop_
_entity_poly.entity_id
_entity_poly.type
_entity_poly.pdbx_seq_one_letter_code
_entity_poly.pdbx_strand_id
1 'polypeptide(L)'
;VNPKRSANINKLRESGNAEYRKQRYGDAIKLYTLGLQMALTRPAWEPAGLVRDEIHQLYSNRAQAYMQLGQWPEAAADAE
CSVEAKRQGNAKAWYRRGKCLMEMRRLQEAREWVARGLEFEGEEKELAELLKEIDSKLAAEKASRDAHDNDGPTVEEVD
;
A,B,C,D,E,F,G,H
2 'polypeptide(L)' PTVEEVD I,J,K,L,M
#
# COMPACT_ATOMS: atom_id res chain seq x y z
N VAL A 1 -23.72 -50.03 19.89
CA VAL A 1 -24.67 -50.53 18.90
C VAL A 1 -26.09 -50.14 19.28
N ASN A 2 -26.38 -48.84 19.24
CA ASN A 2 -27.68 -48.32 19.65
C ASN A 2 -28.81 -48.70 18.69
N PRO A 3 -30.02 -48.88 19.23
CA PRO A 3 -31.22 -49.03 18.42
C PRO A 3 -31.72 -47.66 17.95
N LYS A 4 -31.09 -46.61 18.48
CA LYS A 4 -31.49 -45.25 18.17
C LYS A 4 -31.21 -44.93 16.71
N ARG A 5 -31.99 -44.00 16.16
CA ARG A 5 -31.80 -43.56 14.79
C ARG A 5 -30.46 -42.84 14.63
N SER A 6 -30.17 -41.96 15.59
CA SER A 6 -28.99 -41.11 15.60
C SER A 6 -27.68 -41.87 15.45
N ALA A 7 -27.54 -42.96 16.20
CA ALA A 7 -26.29 -43.71 16.21
C ALA A 7 -26.04 -44.42 14.87
N ASN A 8 -27.11 -44.91 14.25
CA ASN A 8 -26.98 -45.58 12.96
C ASN A 8 -26.71 -44.60 11.84
N ILE A 9 -27.37 -43.45 11.90
CA ILE A 9 -27.09 -42.37 10.97
C ILE A 9 -25.62 -41.95 11.09
N ASN A 10 -25.18 -41.79 12.34
CA ASN A 10 -23.82 -41.41 12.63
C ASN A 10 -22.84 -42.43 12.08
N LYS A 11 -23.19 -43.70 12.24
CA LYS A 11 -22.40 -44.79 11.71
C LYS A 11 -22.23 -44.59 10.21
N LEU A 12 -23.37 -44.38 9.54
CA LEU A 12 -23.36 -44.10 8.10
C LEU A 12 -22.37 -42.99 7.77
N ARG A 13 -22.46 -41.88 8.49
CA ARG A 13 -21.61 -40.73 8.21
C ARG A 13 -20.13 -41.04 8.40
N GLU A 14 -19.81 -41.80 9.45
CA GLU A 14 -18.42 -42.18 9.71
C GLU A 14 -17.87 -43.09 8.60
N SER A 15 -18.68 -44.05 8.15
CA SER A 15 -18.33 -44.85 6.99
C SER A 15 -18.03 -43.95 5.80
N GLY A 16 -18.92 -42.99 5.59
CA GLY A 16 -18.74 -42.04 4.51
C GLY A 16 -17.41 -41.31 4.59
N ASN A 17 -17.06 -40.85 5.78
CA ASN A 17 -15.82 -40.12 5.97
C ASN A 17 -14.59 -41.00 5.77
N ALA A 18 -14.71 -42.26 6.19
CA ALA A 18 -13.63 -43.22 6.02
C ALA A 18 -13.34 -43.44 4.55
N GLU A 19 -14.41 -43.64 3.78
CA GLU A 19 -14.27 -43.83 2.34
C GLU A 19 -13.81 -42.54 1.65
N TYR A 20 -14.10 -41.41 2.28
CA TYR A 20 -13.66 -40.12 1.76
C TYR A 20 -12.16 -39.97 1.92
N ARG A 21 -11.65 -40.40 3.07
CA ARG A 21 -10.23 -40.25 3.38
C ARG A 21 -9.38 -41.26 2.61
N LYS A 22 -10.02 -42.32 2.11
CA LYS A 22 -9.36 -43.28 1.25
C LYS A 22 -9.54 -42.89 -0.22
N GLN A 23 -10.04 -41.67 -0.41
CA GLN A 23 -10.27 -41.08 -1.72
C GLN A 23 -11.22 -41.89 -2.58
N ARG A 24 -12.07 -42.69 -1.94
CA ARG A 24 -13.16 -43.37 -2.61
C ARG A 24 -14.42 -42.50 -2.54
N TYR A 25 -14.44 -41.46 -3.36
CA TYR A 25 -15.46 -40.42 -3.24
C TYR A 25 -16.88 -40.88 -3.58
N GLY A 26 -17.04 -41.72 -4.58
CA GLY A 26 -18.36 -42.20 -4.97
C GLY A 26 -19.04 -43.02 -3.88
N ASP A 27 -18.25 -43.89 -3.27
CA ASP A 27 -18.74 -44.72 -2.17
C ASP A 27 -19.14 -43.82 -1.00
N ALA A 28 -18.32 -42.79 -0.75
CA ALA A 28 -18.63 -41.82 0.30
C ALA A 28 -19.97 -41.17 0.03
N ILE A 29 -20.18 -40.75 -1.21
CA ILE A 29 -21.43 -40.12 -1.60
C ILE A 29 -22.62 -41.05 -1.37
N LYS A 30 -22.46 -42.33 -1.70
CA LYS A 30 -23.58 -43.26 -1.53
C LYS A 30 -23.90 -43.50 -0.06
N LEU A 31 -22.85 -43.51 0.76
CA LEU A 31 -23.03 -43.64 2.20
C LEU A 31 -23.70 -42.41 2.81
N TYR A 32 -23.22 -41.23 2.43
CA TYR A 32 -23.84 -39.98 2.89
C TYR A 32 -25.30 -39.95 2.48
N THR A 33 -25.59 -40.41 1.27
CA THR A 33 -26.96 -40.46 0.78
C THR A 33 -27.82 -41.37 1.64
N LEU A 34 -27.31 -42.57 1.93
CA LEU A 34 -28.01 -43.48 2.84
C LEU A 34 -28.31 -42.78 4.17
N GLY A 35 -27.28 -42.18 4.76
CA GLY A 35 -27.44 -41.40 5.98
C GLY A 35 -28.55 -40.36 5.90
N LEU A 36 -28.61 -39.66 4.76
CA LEU A 36 -29.61 -38.61 4.58
C LEU A 36 -30.99 -39.21 4.46
N GLN A 37 -31.05 -40.44 3.95
CA GLN A 37 -32.33 -41.13 3.86
C GLN A 37 -32.81 -41.48 5.26
N MET A 38 -31.92 -42.03 6.08
CA MET A 38 -32.28 -42.32 7.46
C MET A 38 -32.71 -41.06 8.20
N ALA A 39 -32.04 -39.95 7.93
CA ALA A 39 -32.33 -38.71 8.64
C ALA A 39 -33.67 -38.13 8.23
N LEU A 40 -33.95 -38.17 6.93
CA LEU A 40 -35.11 -37.48 6.37
C LEU A 40 -36.42 -38.26 6.44
N THR A 41 -36.33 -39.57 6.67
CA THR A 41 -37.53 -40.39 6.78
C THR A 41 -38.11 -40.36 8.19
N ARG A 42 -37.49 -39.61 9.08
CA ARG A 42 -38.01 -39.43 10.41
C ARG A 42 -39.32 -38.64 10.37
N PRO A 43 -40.37 -39.21 10.99
CA PRO A 43 -41.71 -38.60 11.01
C PRO A 43 -41.70 -37.25 11.70
N ALA A 44 -42.69 -36.40 11.36
CA ALA A 44 -42.78 -35.06 11.94
C ALA A 44 -43.03 -35.13 13.45
N TRP A 45 -43.74 -36.17 13.88
CA TRP A 45 -44.12 -36.30 15.29
C TRP A 45 -43.03 -36.95 16.13
N GLU A 46 -41.83 -37.01 15.57
CA GLU A 46 -40.68 -37.52 16.30
C GLU A 46 -39.80 -36.34 16.72
N PRO A 47 -39.05 -36.51 17.82
CA PRO A 47 -38.18 -35.42 18.28
C PRO A 47 -37.16 -35.01 17.23
N ALA A 48 -37.23 -33.74 16.83
CA ALA A 48 -36.32 -33.19 15.84
C ALA A 48 -35.02 -32.77 16.49
N GLY A 49 -34.35 -33.73 17.12
CA GLY A 49 -33.19 -33.41 17.94
C GLY A 49 -31.85 -33.77 17.34
N LEU A 50 -31.18 -34.74 17.94
CA LEU A 50 -29.83 -35.13 17.55
C LEU A 50 -29.82 -35.81 16.19
N VAL A 51 -30.98 -36.33 15.77
CA VAL A 51 -31.14 -36.83 14.40
C VAL A 51 -31.07 -35.67 13.41
N ARG A 52 -31.77 -34.58 13.73
CA ARG A 52 -31.83 -33.40 12.86
C ARG A 52 -30.48 -32.67 12.82
N ASP A 53 -29.64 -32.92 13.80
CA ASP A 53 -28.30 -32.33 13.82
C ASP A 53 -27.41 -32.96 12.75
N GLU A 54 -27.65 -34.23 12.47
CA GLU A 54 -26.86 -34.97 11.48
C GLU A 54 -27.01 -34.43 10.05
N ILE A 55 -28.09 -33.70 9.80
CA ILE A 55 -28.45 -33.29 8.44
C ILE A 55 -27.46 -32.28 7.83
N HIS A 56 -27.18 -31.19 8.55
CA HIS A 56 -26.26 -30.19 8.02
C HIS A 56 -24.87 -30.76 7.77
N GLN A 57 -24.47 -31.72 8.60
CA GLN A 57 -23.19 -32.38 8.47
C GLN A 57 -23.15 -33.32 7.27
N LEU A 58 -24.21 -34.10 7.11
CA LEU A 58 -24.30 -35.01 5.97
C LEU A 58 -24.28 -34.22 4.67
N TYR A 59 -25.06 -33.15 4.63
CA TYR A 59 -25.12 -32.32 3.43
C TYR A 59 -23.78 -31.64 3.12
N SER A 60 -23.16 -31.06 4.14
CA SER A 60 -21.87 -30.42 3.91
C SER A 60 -20.83 -31.44 3.42
N ASN A 61 -20.81 -32.60 4.06
CA ASN A 61 -19.89 -33.68 3.69
C ASN A 61 -20.09 -34.17 2.26
N ARG A 62 -21.34 -34.45 1.90
CA ARG A 62 -21.61 -34.94 0.56
C ARG A 62 -21.26 -33.86 -0.45
N ALA A 63 -21.46 -32.59 -0.10
CA ALA A 63 -21.06 -31.49 -0.98
C ALA A 63 -19.57 -31.54 -1.24
N GLN A 64 -18.77 -31.70 -0.17
CA GLN A 64 -17.33 -31.81 -0.31
C GLN A 64 -16.94 -32.97 -1.24
N ALA A 65 -17.50 -34.15 -0.96
CA ALA A 65 -17.25 -35.31 -1.80
C ALA A 65 -17.61 -35.06 -3.26
N TYR A 66 -18.70 -34.34 -3.49
CA TYR A 66 -19.06 -33.95 -4.84
C TYR A 66 -18.02 -33.02 -5.48
N MET A 67 -17.46 -32.11 -4.69
CA MET A 67 -16.47 -31.17 -5.22
C MET A 67 -15.19 -31.91 -5.57
N GLN A 68 -14.94 -33.03 -4.91
CA GLN A 68 -13.79 -33.86 -5.25
C GLN A 68 -13.99 -34.58 -6.59
N LEU A 69 -15.22 -34.62 -7.09
CA LEU A 69 -15.50 -35.20 -8.41
C LEU A 69 -15.89 -34.14 -9.45
N GLY A 70 -15.59 -32.88 -9.13
CA GLY A 70 -15.83 -31.78 -10.05
C GLY A 70 -17.29 -31.51 -10.35
N GLN A 71 -18.18 -32.15 -9.59
CA GLN A 71 -19.60 -32.00 -9.81
C GLN A 71 -20.14 -30.84 -8.99
N TRP A 72 -19.99 -29.64 -9.54
CA TRP A 72 -20.27 -28.42 -8.79
C TRP A 72 -21.76 -28.15 -8.48
N PRO A 73 -22.67 -28.34 -9.45
CA PRO A 73 -24.08 -28.03 -9.14
C PRO A 73 -24.66 -28.83 -7.97
N GLU A 74 -24.43 -30.14 -8.01
CA GLU A 74 -24.85 -31.05 -6.96
C GLU A 74 -24.33 -30.58 -5.61
N ALA A 75 -23.02 -30.35 -5.56
CA ALA A 75 -22.37 -29.89 -4.35
C ALA A 75 -22.96 -28.58 -3.84
N ALA A 76 -23.29 -27.70 -4.78
CA ALA A 76 -23.83 -26.38 -4.45
C ALA A 76 -25.18 -26.52 -3.77
N ALA A 77 -26.00 -27.42 -4.31
CA ALA A 77 -27.31 -27.69 -3.72
C ALA A 77 -27.15 -28.32 -2.33
N ASP A 78 -26.20 -29.23 -2.19
CA ASP A 78 -25.98 -29.90 -0.91
C ASP A 78 -25.56 -28.90 0.16
N ALA A 79 -24.62 -28.02 -0.21
CA ALA A 79 -24.10 -27.03 0.70
C ALA A 79 -25.20 -26.03 1.07
N GLU A 80 -26.06 -25.72 0.10
CA GLU A 80 -27.19 -24.83 0.33
C GLU A 80 -28.16 -25.45 1.35
N CYS A 81 -28.41 -26.74 1.22
CA CYS A 81 -29.26 -27.46 2.18
C CYS A 81 -28.61 -27.49 3.56
N SER A 82 -27.29 -27.61 3.59
CA SER A 82 -26.59 -27.66 4.86
C SER A 82 -26.73 -26.32 5.57
N VAL A 83 -26.52 -25.25 4.83
CA VAL A 83 -26.67 -23.91 5.39
C VAL A 83 -28.12 -23.69 5.84
N GLU A 84 -29.08 -24.19 5.08
CA GLU A 84 -30.49 -24.09 5.46
C GLU A 84 -30.75 -24.81 6.79
N ALA A 85 -30.15 -25.98 6.95
CA ALA A 85 -30.31 -26.75 8.16
C ALA A 85 -29.61 -26.10 9.33
N LYS A 86 -28.59 -25.29 9.03
CA LYS A 86 -27.79 -24.68 10.08
C LYS A 86 -27.06 -23.43 9.58
N ARG A 87 -27.59 -22.27 9.95
CA ARG A 87 -27.02 -20.98 9.56
C ARG A 87 -25.66 -20.69 10.21
N GLN A 88 -25.65 -20.62 11.53
CA GLN A 88 -24.43 -20.31 12.26
C GLN A 88 -23.62 -21.55 12.58
N GLY A 89 -22.31 -21.41 12.65
CA GLY A 89 -21.43 -22.51 13.02
C GLY A 89 -21.29 -23.54 11.92
N ASN A 90 -21.36 -23.09 10.68
CA ASN A 90 -21.30 -23.98 9.53
C ASN A 90 -20.54 -23.32 8.39
N ALA A 91 -19.35 -22.81 8.72
CA ALA A 91 -18.54 -22.04 7.78
C ALA A 91 -18.17 -22.84 6.54
N LYS A 92 -17.87 -24.11 6.72
CA LYS A 92 -17.53 -24.98 5.60
C LYS A 92 -18.62 -25.07 4.55
N ALA A 93 -19.88 -25.04 4.95
CA ALA A 93 -20.98 -25.14 3.99
C ALA A 93 -21.04 -23.88 3.12
N TRP A 94 -21.13 -22.73 3.79
CA TRP A 94 -21.06 -21.42 3.13
C TRP A 94 -19.91 -21.39 2.14
N TYR A 95 -18.75 -21.80 2.63
CA TYR A 95 -17.55 -21.80 1.82
C TYR A 95 -17.72 -22.66 0.59
N ARG A 96 -18.13 -23.90 0.81
CA ARG A 96 -18.23 -24.90 -0.24
C ARG A 96 -19.12 -24.41 -1.36
N ARG A 97 -20.29 -23.89 -0.99
CA ARG A 97 -21.18 -23.36 -2.02
C ARG A 97 -20.55 -22.17 -2.72
N GLY A 98 -19.83 -21.33 -1.95
CA GLY A 98 -19.13 -20.20 -2.52
C GLY A 98 -18.21 -20.61 -3.66
N LYS A 99 -17.33 -21.58 -3.39
CA LYS A 99 -16.43 -22.10 -4.41
C LYS A 99 -17.17 -22.78 -5.55
N CYS A 100 -18.29 -23.44 -5.24
CA CYS A 100 -19.06 -24.11 -6.28
C CYS A 100 -19.63 -23.10 -7.26
N LEU A 101 -20.12 -21.98 -6.74
CA LEU A 101 -20.63 -20.91 -7.57
C LEU A 101 -19.49 -20.27 -8.35
N MET A 102 -18.31 -20.22 -7.75
CA MET A 102 -17.13 -19.71 -8.44
C MET A 102 -16.79 -20.56 -9.66
N GLU A 103 -16.78 -21.88 -9.47
CA GLU A 103 -16.44 -22.81 -10.55
C GLU A 103 -17.49 -22.82 -11.65
N MET A 104 -18.70 -22.36 -11.33
CA MET A 104 -19.78 -22.31 -12.30
C MET A 104 -19.88 -20.92 -12.92
N ARG A 105 -18.77 -20.19 -12.87
CA ARG A 105 -18.64 -18.86 -13.47
C ARG A 105 -19.72 -17.89 -13.01
N ARG A 106 -20.20 -18.08 -11.79
CA ARG A 106 -21.23 -17.20 -11.23
C ARG A 106 -20.70 -16.40 -10.05
N LEU A 107 -19.92 -15.36 -10.36
CA LEU A 107 -19.13 -14.65 -9.36
C LEU A 107 -19.93 -13.77 -8.41
N GLN A 108 -20.85 -12.95 -8.93
CA GLN A 108 -21.61 -12.05 -8.06
C GLN A 108 -22.49 -12.82 -7.08
N GLU A 109 -23.07 -13.93 -7.54
CA GLU A 109 -23.89 -14.77 -6.68
C GLU A 109 -23.04 -15.30 -5.53
N ALA A 110 -21.85 -15.76 -5.86
CA ALA A 110 -20.91 -16.25 -4.87
C ALA A 110 -20.52 -15.14 -3.90
N ARG A 111 -20.35 -13.94 -4.44
CA ARG A 111 -19.97 -12.77 -3.66
C ARG A 111 -21.02 -12.48 -2.60
N GLU A 112 -22.25 -12.38 -3.04
CA GLU A 112 -23.32 -12.14 -2.13
C GLU A 112 -23.47 -13.28 -1.19
N TRP A 113 -23.32 -14.51 -1.67
CA TRP A 113 -23.48 -15.64 -0.79
C TRP A 113 -22.44 -15.65 0.27
N VAL A 114 -21.21 -15.42 -0.11
CA VAL A 114 -20.15 -15.43 0.86
C VAL A 114 -20.30 -14.31 1.86
N ALA A 115 -20.68 -13.12 1.44
CA ALA A 115 -20.87 -12.03 2.37
C ALA A 115 -21.99 -12.27 3.32
N ARG A 116 -23.06 -12.82 2.80
CA ARG A 116 -24.21 -13.08 3.62
C ARG A 116 -23.83 -14.12 4.62
N GLY A 117 -23.06 -15.08 4.16
CA GLY A 117 -22.65 -16.16 4.99
C GLY A 117 -21.82 -15.62 6.09
N LEU A 118 -20.98 -14.66 5.72
CA LEU A 118 -20.09 -14.12 6.70
C LEU A 118 -20.90 -13.55 7.79
N GLU A 119 -21.84 -12.65 7.51
CA GLU A 119 -22.56 -12.11 8.67
C GLU A 119 -23.23 -13.23 9.41
N PHE A 120 -23.96 -13.94 8.64
CA PHE A 120 -24.84 -14.90 9.14
C PHE A 120 -24.30 -15.88 10.07
N GLU A 121 -23.09 -16.35 9.91
CA GLU A 121 -22.62 -17.31 10.87
C GLU A 121 -21.28 -17.02 11.55
N GLY A 122 -20.43 -16.26 10.88
CA GLY A 122 -19.11 -16.00 11.41
C GLY A 122 -18.59 -14.63 11.13
N GLU A 123 -17.44 -14.42 11.74
CA GLU A 123 -16.52 -13.33 11.55
C GLU A 123 -15.17 -14.02 11.10
N GLU A 124 -15.19 -15.36 10.95
CA GLU A 124 -14.08 -16.24 10.65
C GLU A 124 -13.34 -16.06 9.34
N LYS A 125 -12.02 -16.11 9.43
CA LYS A 125 -11.27 -15.98 8.18
C LYS A 125 -11.67 -16.69 6.88
N GLU A 126 -11.80 -18.01 6.86
CA GLU A 126 -11.74 -18.76 5.60
C GLU A 126 -12.76 -18.28 4.56
N LEU A 127 -13.98 -18.09 5.02
CA LEU A 127 -14.98 -17.40 4.24
C LEU A 127 -14.40 -16.11 3.69
N ALA A 128 -13.82 -15.30 4.56
CA ALA A 128 -13.34 -13.98 4.15
C ALA A 128 -12.23 -14.09 3.11
N GLU A 129 -11.29 -15.02 3.29
CA GLU A 129 -10.22 -15.21 2.31
C GLU A 129 -10.84 -15.51 0.95
N LEU A 130 -11.81 -16.42 0.94
CA LEU A 130 -12.53 -16.74 -0.29
C LEU A 130 -13.20 -15.49 -0.88
N LEU A 131 -13.80 -14.66 -0.03
CA LEU A 131 -14.47 -13.44 -0.49
C LEU A 131 -13.49 -12.51 -1.19
N LYS A 132 -12.37 -12.28 -0.52
CA LYS A 132 -11.30 -11.46 -1.08
C LYS A 132 -10.93 -11.97 -2.47
N GLU A 133 -10.74 -13.29 -2.57
CA GLU A 133 -10.54 -13.92 -3.88
C GLU A 133 -11.64 -13.55 -4.89
N ILE A 134 -12.90 -13.65 -4.48
CA ILE A 134 -14.02 -13.33 -5.35
C ILE A 134 -13.93 -11.90 -5.88
N ASP A 135 -13.66 -10.96 -4.99
CA ASP A 135 -13.53 -9.55 -5.39
C ASP A 135 -12.37 -9.31 -6.36
N SER A 136 -11.21 -9.89 -6.06
CA SER A 136 -10.09 -9.80 -7.00
C SER A 136 -10.46 -10.29 -8.38
N LYS A 137 -11.08 -11.46 -8.43
CA LYS A 137 -11.50 -12.06 -9.70
C LYS A 137 -12.52 -11.21 -10.46
N LEU A 138 -13.48 -10.66 -9.73
CA LEU A 138 -14.46 -9.72 -10.28
C LEU A 138 -13.78 -8.53 -10.93
N ALA A 139 -13.00 -7.81 -10.13
CA ALA A 139 -12.27 -6.64 -10.60
C ALA A 139 -11.48 -6.96 -11.86
N ALA A 140 -10.65 -8.01 -11.81
CA ALA A 140 -9.85 -8.38 -12.98
C ALA A 140 -10.70 -8.67 -14.23
N GLU A 141 -11.74 -9.47 -14.04
CA GLU A 141 -12.67 -9.77 -15.12
C GLU A 141 -13.24 -8.51 -15.76
N LYS A 142 -13.82 -7.63 -14.95
CA LYS A 142 -14.42 -6.41 -15.47
C LYS A 142 -13.35 -5.50 -16.04
N ALA A 143 -12.10 -5.70 -15.61
CA ALA A 143 -10.99 -5.00 -16.23
C ALA A 143 -10.81 -5.47 -17.67
N SER A 144 -10.71 -6.78 -17.90
CA SER A 144 -10.55 -7.27 -19.28
C SER A 144 -11.79 -6.95 -20.15
N ARG A 145 -12.99 -7.29 -19.67
CA ARG A 145 -14.21 -6.94 -20.42
C ARG A 145 -14.31 -5.44 -20.76
N ASP A 146 -14.03 -4.57 -19.78
CA ASP A 146 -14.22 -3.12 -19.95
C ASP A 146 -13.13 -2.46 -20.80
N ALA A 147 -11.91 -3.01 -20.74
CA ALA A 147 -10.73 -2.41 -21.38
C ALA A 147 -10.69 -2.66 -22.88
N HIS A 148 -11.01 -3.91 -23.23
CA HIS A 148 -10.99 -4.41 -24.61
C HIS A 148 -9.71 -3.98 -25.28
N PRO A 153 -4.10 -2.81 -31.40
CA PRO A 153 -2.81 -2.30 -30.92
C PRO A 153 -1.62 -3.04 -31.55
N THR A 154 -0.76 -2.32 -32.27
CA THR A 154 0.20 -2.92 -33.20
C THR A 154 1.19 -3.98 -32.69
N VAL A 155 1.71 -3.84 -31.46
CA VAL A 155 2.63 -4.85 -30.94
C VAL A 155 1.92 -6.18 -30.78
N GLU A 156 0.67 -6.11 -30.35
CA GLU A 156 -0.14 -7.30 -30.10
C GLU A 156 -0.35 -8.16 -31.34
N GLU A 157 -0.26 -7.55 -32.53
CA GLU A 157 -0.39 -8.31 -33.78
C GLU A 157 0.77 -9.29 -33.92
N VAL A 158 0.51 -10.42 -34.56
CA VAL A 158 1.58 -11.37 -34.87
C VAL A 158 1.89 -11.29 -36.36
N ASP A 159 3.15 -11.52 -36.70
CA ASP A 159 3.61 -11.46 -38.09
C ASP A 159 3.92 -12.85 -38.62
N VAL B 1 15.17 14.86 19.02
CA VAL B 1 13.82 15.01 19.52
C VAL B 1 12.96 15.85 18.57
N ASN B 2 11.86 15.27 18.10
CA ASN B 2 11.04 15.89 17.07
C ASN B 2 10.42 17.21 17.49
N PRO B 3 10.35 18.15 16.53
CA PRO B 3 9.64 19.43 16.70
C PRO B 3 8.15 19.27 16.40
N LYS B 4 7.78 18.07 15.96
CA LYS B 4 6.38 17.74 15.66
C LYS B 4 5.54 17.75 16.93
N ARG B 5 4.36 18.39 16.86
CA ARG B 5 3.51 18.47 18.03
C ARG B 5 2.98 17.07 18.38
N SER B 6 2.74 16.25 17.36
CA SER B 6 2.28 14.89 17.56
C SER B 6 3.28 14.11 18.41
N ALA B 7 4.56 14.31 18.12
CA ALA B 7 5.63 13.68 18.87
C ALA B 7 5.65 14.07 20.34
N ASN B 8 5.41 15.36 20.59
CA ASN B 8 5.45 15.87 21.95
C ASN B 8 4.22 15.46 22.75
N ILE B 9 3.07 15.43 22.11
CA ILE B 9 1.86 14.87 22.69
C ILE B 9 2.11 13.42 23.08
N ASN B 10 2.80 12.70 22.19
CA ASN B 10 3.17 11.31 22.48
C ASN B 10 4.05 11.22 23.72
N LYS B 11 5.03 12.12 23.81
CA LYS B 11 5.94 12.11 24.97
C LYS B 11 5.18 12.39 26.25
N LEU B 12 4.18 13.28 26.16
CA LEU B 12 3.29 13.52 27.28
C LEU B 12 2.58 12.23 27.70
N ARG B 13 1.95 11.55 26.74
CA ARG B 13 1.31 10.26 26.99
C ARG B 13 2.23 9.30 27.74
N GLU B 14 3.45 9.13 27.23
CA GLU B 14 4.39 8.22 27.87
C GLU B 14 4.82 8.67 29.28
N SER B 15 5.03 9.96 29.48
CA SER B 15 5.26 10.48 30.82
C SER B 15 4.14 10.03 31.74
N GLY B 16 2.91 10.32 31.33
CA GLY B 16 1.72 9.85 32.04
C GLY B 16 1.74 8.37 32.39
N ASN B 17 1.99 7.52 31.39
CA ASN B 17 2.02 6.08 31.58
C ASN B 17 3.08 5.64 32.59
N ALA B 18 4.28 6.22 32.49
CA ALA B 18 5.32 5.95 33.46
C ALA B 18 4.84 6.28 34.86
N GLU B 19 4.19 7.44 35.02
CA GLU B 19 3.68 7.80 36.34
C GLU B 19 2.52 6.91 36.78
N TYR B 20 1.93 6.20 35.83
CA TYR B 20 0.83 5.29 36.13
C TYR B 20 1.33 3.94 36.65
N ARG B 21 2.34 3.39 35.99
CA ARG B 21 2.94 2.13 36.42
C ARG B 21 3.56 2.29 37.81
N LYS B 22 4.00 3.51 38.10
CA LYS B 22 4.56 3.85 39.39
C LYS B 22 3.45 4.11 40.39
N GLN B 23 2.21 3.97 39.92
CA GLN B 23 1.03 4.09 40.76
C GLN B 23 0.94 5.45 41.40
N ARG B 24 1.47 6.46 40.70
CA ARG B 24 1.16 7.85 41.02
C ARG B 24 0.10 8.32 40.03
N TYR B 25 -1.16 8.07 40.39
CA TYR B 25 -2.27 8.30 39.48
C TYR B 25 -2.62 9.77 39.37
N GLY B 26 -2.35 10.52 40.43
CA GLY B 26 -2.62 11.95 40.42
C GLY B 26 -1.79 12.63 39.36
N ASP B 27 -0.48 12.39 39.41
CA ASP B 27 0.46 12.96 38.46
C ASP B 27 0.25 12.40 37.06
N ALA B 28 -0.16 11.15 36.98
CA ALA B 28 -0.48 10.53 35.69
C ALA B 28 -1.58 11.32 35.01
N ILE B 29 -2.67 11.52 35.73
CA ILE B 29 -3.79 12.32 35.24
C ILE B 29 -3.31 13.72 34.86
N LYS B 30 -2.49 14.29 35.72
CA LYS B 30 -1.94 15.63 35.50
C LYS B 30 -1.19 15.77 34.16
N LEU B 31 -0.39 14.76 33.80
CA LEU B 31 0.33 14.77 32.52
C LEU B 31 -0.59 14.51 31.33
N TYR B 32 -1.52 13.59 31.53
CA TYR B 32 -2.51 13.28 30.52
C TYR B 32 -3.28 14.54 30.11
N THR B 33 -3.61 15.36 31.11
CA THR B 33 -4.33 16.59 30.84
C THR B 33 -3.54 17.49 29.90
N LEU B 34 -2.24 17.61 30.16
CA LEU B 34 -1.37 18.42 29.31
C LEU B 34 -1.40 17.90 27.89
N GLY B 35 -1.22 16.58 27.74
CA GLY B 35 -1.38 15.94 26.45
C GLY B 35 -2.68 16.31 25.74
N LEU B 36 -3.79 16.26 26.47
CA LEU B 36 -5.08 16.60 25.86
C LEU B 36 -5.11 18.05 25.42
N GLN B 37 -4.62 18.97 26.25
CA GLN B 37 -4.56 20.37 25.87
C GLN B 37 -3.81 20.55 24.55
N MET B 38 -2.61 19.99 24.54
CA MET B 38 -1.76 20.13 23.38
C MET B 38 -2.38 19.53 22.12
N ALA B 39 -3.15 18.46 22.27
CA ALA B 39 -3.74 17.82 21.10
C ALA B 39 -5.04 18.50 20.67
N LEU B 40 -5.70 19.17 21.59
CA LEU B 40 -6.99 19.78 21.31
C LEU B 40 -6.86 21.23 20.83
N THR B 41 -5.69 21.81 21.05
CA THR B 41 -5.43 23.19 20.65
C THR B 41 -5.06 23.30 19.17
N ARG B 42 -4.88 22.16 18.53
CA ARG B 42 -4.53 22.13 17.12
C ARG B 42 -5.61 22.76 16.26
N PRO B 43 -5.24 23.78 15.48
CA PRO B 43 -6.17 24.53 14.62
C PRO B 43 -6.94 23.60 13.68
N ALA B 44 -8.13 24.02 13.27
CA ALA B 44 -8.96 23.18 12.42
C ALA B 44 -8.39 22.99 11.01
N TRP B 45 -7.45 23.85 10.61
CA TRP B 45 -6.90 23.84 9.25
C TRP B 45 -5.60 23.07 9.18
N GLU B 46 -5.28 22.39 10.27
CA GLU B 46 -4.14 21.50 10.25
C GLU B 46 -4.67 20.11 9.97
N PRO B 47 -3.82 19.15 9.60
CA PRO B 47 -4.39 17.91 9.10
C PRO B 47 -4.62 16.84 10.18
N ALA B 48 -3.77 16.89 11.19
CA ALA B 48 -2.94 15.74 11.54
C ALA B 48 -3.54 14.45 12.07
N GLY B 49 -2.82 13.41 11.66
CA GLY B 49 -3.09 12.03 12.00
C GLY B 49 -2.76 11.74 13.43
N LEU B 50 -1.48 11.72 13.79
CA LEU B 50 -1.09 11.32 15.14
C LEU B 50 -1.69 12.21 16.23
N VAL B 51 -1.72 13.52 16.02
CA VAL B 51 -2.33 14.41 16.99
C VAL B 51 -3.78 14.02 17.31
N ARG B 52 -4.51 13.51 16.32
CA ARG B 52 -5.91 13.13 16.49
C ARG B 52 -6.01 11.74 17.08
N ASP B 53 -5.13 10.84 16.64
CA ASP B 53 -5.05 9.50 17.19
C ASP B 53 -4.75 9.54 18.70
N GLU B 54 -3.96 10.51 19.13
CA GLU B 54 -3.58 10.64 20.53
C GLU B 54 -4.76 10.90 21.43
N ILE B 55 -5.83 11.49 20.89
CA ILE B 55 -6.96 11.93 21.70
C ILE B 55 -7.64 10.77 22.41
N HIS B 56 -8.03 9.73 21.67
CA HIS B 56 -8.75 8.62 22.27
C HIS B 56 -7.84 7.90 23.27
N GLN B 57 -6.55 7.85 22.97
CA GLN B 57 -5.61 7.22 23.88
C GLN B 57 -5.49 7.99 25.20
N LEU B 58 -5.33 9.31 25.09
CA LEU B 58 -5.15 10.18 26.26
C LEU B 58 -6.39 10.14 27.14
N TYR B 59 -7.55 10.25 26.50
CA TYR B 59 -8.81 10.16 27.21
C TYR B 59 -8.95 8.82 27.92
N SER B 60 -8.70 7.73 27.19
CA SER B 60 -8.83 6.39 27.76
C SER B 60 -7.91 6.21 28.97
N ASN B 61 -6.65 6.60 28.80
CA ASN B 61 -5.65 6.51 29.86
C ASN B 61 -6.02 7.35 31.09
N ARG B 62 -6.51 8.55 30.84
CA ARG B 62 -6.87 9.42 31.95
C ARG B 62 -8.05 8.83 32.69
N ALA B 63 -9.03 8.33 31.94
CA ALA B 63 -10.18 7.65 32.55
C ALA B 63 -9.70 6.52 33.45
N GLN B 64 -8.77 5.71 32.94
CA GLN B 64 -8.18 4.62 33.70
C GLN B 64 -7.59 5.09 35.04
N ALA B 65 -6.70 6.06 34.96
CA ALA B 65 -6.07 6.60 36.16
C ALA B 65 -7.09 7.18 37.13
N TYR B 66 -8.18 7.72 36.60
CA TYR B 66 -9.27 8.23 37.43
C TYR B 66 -10.03 7.10 38.13
N MET B 67 -10.12 5.95 37.47
CA MET B 67 -10.73 4.79 38.10
C MET B 67 -9.85 4.28 39.22
N GLN B 68 -8.55 4.39 39.03
CA GLN B 68 -7.61 3.98 40.07
C GLN B 68 -7.74 4.85 41.32
N LEU B 69 -8.28 6.05 41.15
CA LEU B 69 -8.52 6.94 42.28
C LEU B 69 -9.94 6.80 42.78
N GLY B 70 -10.71 5.96 42.10
CA GLY B 70 -12.10 5.72 42.46
C GLY B 70 -13.05 6.81 42.04
N GLN B 71 -12.53 7.87 41.42
CA GLN B 71 -13.36 8.97 40.96
C GLN B 71 -14.09 8.57 39.67
N TRP B 72 -15.31 8.06 39.84
CA TRP B 72 -16.07 7.46 38.73
C TRP B 72 -16.70 8.42 37.71
N PRO B 73 -17.27 9.56 38.17
CA PRO B 73 -17.85 10.46 37.16
C PRO B 73 -16.83 10.98 36.15
N GLU B 74 -15.69 11.43 36.65
CA GLU B 74 -14.61 11.93 35.79
C GLU B 74 -14.20 10.86 34.78
N ALA B 75 -13.92 9.67 35.28
CA ALA B 75 -13.47 8.56 34.46
C ALA B 75 -14.50 8.21 33.39
N ALA B 76 -15.77 8.26 33.78
CA ALA B 76 -16.87 7.96 32.87
C ALA B 76 -16.89 8.97 31.72
N ALA B 77 -16.75 10.25 32.07
CA ALA B 77 -16.75 11.32 31.09
C ALA B 77 -15.59 11.18 30.10
N ASP B 78 -14.40 10.93 30.64
CA ASP B 78 -13.23 10.79 29.80
C ASP B 78 -13.35 9.58 28.89
N ALA B 79 -13.89 8.50 29.42
CA ALA B 79 -14.05 7.27 28.64
C ALA B 79 -15.00 7.50 27.48
N GLU B 80 -16.12 8.16 27.76
CA GLU B 80 -17.06 8.48 26.70
C GLU B 80 -16.44 9.40 25.65
N CYS B 81 -15.63 10.37 26.10
CA CYS B 81 -14.93 11.23 25.13
C CYS B 81 -13.98 10.40 24.26
N SER B 82 -13.37 9.39 24.87
CA SER B 82 -12.47 8.52 24.13
C SER B 82 -13.23 7.78 23.05
N VAL B 83 -14.38 7.24 23.43
CA VAL B 83 -15.23 6.51 22.49
C VAL B 83 -15.71 7.45 21.38
N GLU B 84 -16.03 8.67 21.77
CA GLU B 84 -16.52 9.68 20.86
C GLU B 84 -15.46 10.01 19.82
N ALA B 85 -14.20 10.03 20.23
CA ALA B 85 -13.12 10.32 19.30
C ALA B 85 -12.87 9.12 18.39
N LYS B 86 -13.02 7.93 18.94
CA LYS B 86 -12.77 6.72 18.18
C LYS B 86 -13.67 5.57 18.68
N ARG B 87 -14.70 5.25 17.90
CA ARG B 87 -15.66 4.23 18.29
C ARG B 87 -15.13 2.81 18.05
N GLN B 88 -14.52 2.60 16.89
CA GLN B 88 -14.00 1.29 16.53
C GLN B 88 -12.57 1.12 17.02
N GLY B 89 -12.17 -0.11 17.28
CA GLY B 89 -10.81 -0.39 17.74
C GLY B 89 -10.46 0.31 19.05
N ASN B 90 -11.47 0.49 19.90
CA ASN B 90 -11.28 1.20 21.17
C ASN B 90 -12.12 0.52 22.26
N ALA B 91 -11.93 -0.79 22.41
CA ALA B 91 -12.77 -1.59 23.29
C ALA B 91 -12.57 -1.23 24.75
N LYS B 92 -11.33 -0.86 25.09
CA LYS B 92 -10.98 -0.57 26.47
C LYS B 92 -11.74 0.65 26.99
N ALA B 93 -12.01 1.62 26.12
CA ALA B 93 -12.74 2.81 26.52
C ALA B 93 -14.18 2.47 26.82
N TRP B 94 -14.79 1.74 25.88
CA TRP B 94 -16.14 1.18 26.02
C TRP B 94 -16.30 0.52 27.38
N TYR B 95 -15.45 -0.48 27.63
CA TYR B 95 -15.44 -1.19 28.91
C TYR B 95 -15.37 -0.23 30.07
N ARG B 96 -14.41 0.69 29.99
CA ARG B 96 -14.16 1.63 31.06
C ARG B 96 -15.40 2.43 31.46
N ARG B 97 -16.03 3.09 30.48
CA ARG B 97 -17.23 3.87 30.79
C ARG B 97 -18.30 2.98 31.39
N GLY B 98 -18.54 1.82 30.75
CA GLY B 98 -19.50 0.86 31.27
C GLY B 98 -19.30 0.59 32.75
N LYS B 99 -18.06 0.28 33.10
CA LYS B 99 -17.67 -0.06 34.46
C LYS B 99 -17.90 1.07 35.44
N CYS B 100 -17.60 2.30 35.02
CA CYS B 100 -17.86 3.45 35.88
C CYS B 100 -19.36 3.59 36.14
N LEU B 101 -20.14 3.42 35.08
CA LEU B 101 -21.60 3.43 35.21
C LEU B 101 -22.06 2.43 36.26
N MET B 102 -21.55 1.20 36.19
CA MET B 102 -21.86 0.21 37.22
C MET B 102 -21.55 0.72 38.62
N GLU B 103 -20.32 1.21 38.81
CA GLU B 103 -19.91 1.72 40.11
C GLU B 103 -20.78 2.88 40.60
N MET B 104 -21.48 3.55 39.68
CA MET B 104 -22.31 4.67 40.09
C MET B 104 -23.78 4.27 40.23
N ARG B 105 -24.01 2.96 40.34
CA ARG B 105 -25.34 2.39 40.58
C ARG B 105 -26.31 2.71 39.45
N ARG B 106 -25.81 2.78 38.23
CA ARG B 106 -26.65 3.04 37.08
C ARG B 106 -26.54 1.88 36.08
N LEU B 107 -27.18 0.76 36.43
CA LEU B 107 -26.97 -0.49 35.71
C LEU B 107 -27.57 -0.54 34.32
N GLN B 108 -28.77 0.03 34.16
CA GLN B 108 -29.45 0.01 32.86
C GLN B 108 -28.66 0.80 31.84
N GLU B 109 -28.07 1.90 32.31
CA GLU B 109 -27.16 2.71 31.51
C GLU B 109 -25.94 1.93 31.05
N ALA B 110 -25.32 1.23 31.99
CA ALA B 110 -24.14 0.43 31.67
C ALA B 110 -24.45 -0.68 30.69
N ARG B 111 -25.54 -1.40 30.92
CA ARG B 111 -25.99 -2.46 30.03
C ARG B 111 -26.23 -1.92 28.63
N GLU B 112 -26.95 -0.82 28.55
CA GLU B 112 -27.24 -0.18 27.27
C GLU B 112 -25.95 0.23 26.57
N TRP B 113 -25.04 0.80 27.34
CA TRP B 113 -23.75 1.28 26.87
C TRP B 113 -22.92 0.17 26.26
N VAL B 114 -22.76 -0.92 27.01
CA VAL B 114 -21.97 -2.07 26.55
C VAL B 114 -22.64 -2.80 25.38
N ALA B 115 -23.95 -2.97 25.45
CA ALA B 115 -24.69 -3.61 24.38
C ALA B 115 -24.47 -2.85 23.08
N ARG B 116 -24.64 -1.53 23.13
CA ARG B 116 -24.36 -0.69 21.97
C ARG B 116 -22.88 -0.76 21.59
N GLY B 117 -22.03 -1.01 22.57
CA GLY B 117 -20.60 -1.08 22.31
C GLY B 117 -20.15 -2.35 21.61
N LEU B 118 -20.95 -3.40 21.76
CA LEU B 118 -20.58 -4.71 21.20
C LEU B 118 -20.91 -4.78 19.71
N GLU B 119 -21.77 -3.88 19.25
CA GLU B 119 -22.08 -3.77 17.83
C GLU B 119 -20.89 -3.20 17.09
N PHE B 120 -20.26 -2.21 17.69
CA PHE B 120 -19.12 -1.52 17.09
C PHE B 120 -17.86 -2.39 17.10
N GLU B 121 -17.69 -3.13 18.19
CA GLU B 121 -16.55 -4.03 18.33
C GLU B 121 -16.92 -5.44 17.86
N GLY B 122 -15.96 -6.35 17.89
CA GLY B 122 -16.19 -7.71 17.47
C GLY B 122 -16.47 -8.65 18.63
N GLU B 123 -17.30 -8.19 19.56
CA GLU B 123 -17.60 -8.92 20.79
C GLU B 123 -16.32 -9.32 21.51
N GLU B 124 -15.41 -8.37 21.64
CA GLU B 124 -14.15 -8.59 22.34
C GLU B 124 -14.45 -9.06 23.77
N LYS B 125 -13.77 -10.13 24.17
CA LYS B 125 -14.13 -10.88 25.37
C LYS B 125 -14.39 -10.05 26.64
N GLU B 126 -13.49 -9.13 26.95
CA GLU B 126 -13.57 -8.37 28.20
C GLU B 126 -14.90 -7.61 28.32
N LEU B 127 -15.28 -6.97 27.23
CA LEU B 127 -16.56 -6.28 27.15
C LEU B 127 -17.73 -7.24 27.34
N ALA B 128 -17.65 -8.40 26.71
CA ALA B 128 -18.71 -9.41 26.79
C ALA B 128 -18.90 -9.89 28.21
N GLU B 129 -17.80 -10.24 28.86
CA GLU B 129 -17.79 -10.61 30.28
C GLU B 129 -18.44 -9.53 31.12
N LEU B 130 -18.05 -8.28 30.89
CA LEU B 130 -18.67 -7.15 31.59
C LEU B 130 -20.20 -7.13 31.38
N LEU B 131 -20.64 -7.43 30.17
CA LEU B 131 -22.08 -7.46 29.86
C LEU B 131 -22.79 -8.55 30.65
N LYS B 132 -22.18 -9.73 30.65
CA LYS B 132 -22.66 -10.83 31.47
C LYS B 132 -22.82 -10.40 32.93
N GLU B 133 -21.84 -9.67 33.44
CA GLU B 133 -21.88 -9.24 34.84
C GLU B 133 -22.99 -8.23 35.09
N ILE B 134 -23.19 -7.33 34.13
CA ILE B 134 -24.23 -6.33 34.28
C ILE B 134 -25.60 -6.99 34.34
N ASP B 135 -25.84 -7.94 33.43
CA ASP B 135 -27.07 -8.72 33.47
C ASP B 135 -27.23 -9.44 34.80
N SER B 136 -26.16 -10.11 35.19
CA SER B 136 -26.12 -10.89 36.41
C SER B 136 -26.55 -10.04 37.60
N LYS B 137 -26.13 -8.78 37.62
CA LYS B 137 -26.47 -7.91 38.74
C LYS B 137 -27.84 -7.25 38.59
N LEU B 138 -28.33 -7.13 37.36
CA LEU B 138 -29.69 -6.65 37.14
C LEU B 138 -30.71 -7.68 37.63
N ALA B 139 -30.33 -8.94 37.48
CA ALA B 139 -31.13 -10.07 37.95
C ALA B 139 -31.50 -9.91 39.43
N ALA B 140 -30.53 -9.53 40.25
CA ALA B 140 -30.77 -9.33 41.68
C ALA B 140 -31.85 -8.28 41.93
N GLU B 141 -31.72 -7.15 41.24
CA GLU B 141 -32.70 -6.07 41.35
C GLU B 141 -34.09 -6.60 41.04
N LYS B 142 -34.28 -7.23 39.91
CA LYS B 142 -35.61 -7.68 39.59
C LYS B 142 -36.15 -8.70 40.56
N ALA B 143 -35.38 -9.66 40.98
CA ALA B 143 -36.00 -10.64 41.89
C ALA B 143 -36.49 -9.99 43.17
N SER B 144 -35.64 -9.19 43.78
CA SER B 144 -36.03 -8.52 44.99
C SER B 144 -37.20 -7.66 44.65
N ARG B 145 -37.21 -7.15 43.43
CA ARG B 145 -38.27 -6.31 43.01
C ARG B 145 -39.57 -7.07 43.01
N ASP B 146 -39.57 -8.34 42.60
CA ASP B 146 -40.83 -9.07 42.61
C ASP B 146 -41.23 -9.12 44.05
N ALA B 147 -40.31 -9.52 44.90
CA ALA B 147 -40.55 -9.46 46.35
C ALA B 147 -41.94 -9.93 46.77
N HIS B 148 -42.36 -11.08 46.29
CA HIS B 148 -43.70 -11.63 46.48
C HIS B 148 -43.71 -13.04 47.08
N ASP B 149 -42.54 -13.66 47.22
CA ASP B 149 -42.48 -15.01 47.75
C ASP B 149 -41.59 -15.10 48.98
N VAL C 1 -0.39 25.97 43.26
CA VAL C 1 -0.50 26.04 41.81
C VAL C 1 0.09 24.80 41.14
N ASN C 2 -0.58 24.31 40.11
CA ASN C 2 -0.09 23.20 39.30
C ASN C 2 1.27 23.50 38.69
N PRO C 3 2.32 22.79 39.13
CA PRO C 3 3.69 23.06 38.71
C PRO C 3 4.16 22.19 37.54
N LYS C 4 3.28 21.32 37.04
CA LYS C 4 3.65 20.36 36.01
C LYS C 4 3.60 20.98 34.61
N ARG C 5 2.68 21.93 34.43
CA ARG C 5 2.61 22.70 33.20
C ARG C 5 3.93 23.45 32.98
N SER C 6 4.42 24.05 34.07
CA SER C 6 5.70 24.73 34.07
C SER C 6 6.81 23.78 33.68
N ALA C 7 6.71 22.54 34.16
CA ALA C 7 7.67 21.50 33.81
C ALA C 7 7.64 21.19 32.31
N ASN C 8 6.44 21.07 31.72
CA ASN C 8 6.37 20.75 30.30
C ASN C 8 6.79 21.91 29.39
N ILE C 9 6.39 23.13 29.72
CA ILE C 9 6.84 24.30 28.95
C ILE C 9 8.36 24.44 29.12
N ASN C 10 8.86 24.06 30.28
CA ASN C 10 10.29 23.92 30.50
C ASN C 10 10.90 22.94 29.49
N LYS C 11 10.29 21.77 29.38
CA LYS C 11 10.73 20.74 28.45
C LYS C 11 10.76 21.25 27.02
N LEU C 12 9.75 22.02 26.65
CA LEU C 12 9.64 22.53 25.28
C LEU C 12 10.70 23.59 25.01
N ARG C 13 10.91 24.47 25.98
CA ARG C 13 11.94 25.50 25.88
C ARG C 13 13.33 24.87 25.73
N GLU C 14 13.63 23.89 26.58
CA GLU C 14 14.94 23.25 26.52
C GLU C 14 15.12 22.33 25.33
N SER C 15 14.02 21.75 24.84
CA SER C 15 14.08 20.93 23.64
C SER C 15 14.42 21.83 22.47
N GLY C 16 13.67 22.92 22.36
CA GLY C 16 13.98 23.95 21.39
C GLY C 16 15.43 24.40 21.48
N ASN C 17 15.91 24.58 22.71
CA ASN C 17 17.29 24.95 22.97
C ASN C 17 18.27 23.94 22.37
N ALA C 18 18.02 22.67 22.62
CA ALA C 18 18.85 21.60 22.07
C ALA C 18 18.87 21.65 20.55
N GLU C 19 17.69 21.81 19.96
CA GLU C 19 17.58 21.95 18.51
C GLU C 19 18.36 23.17 18.02
N TYR C 20 18.47 24.19 18.86
CA TYR C 20 19.18 25.42 18.52
C TYR C 20 20.69 25.21 18.56
N ARG C 21 21.16 24.50 19.58
CA ARG C 21 22.58 24.22 19.70
C ARG C 21 23.04 23.27 18.61
N LYS C 22 22.11 22.52 18.04
CA LYS C 22 22.40 21.65 16.92
C LYS C 22 22.14 22.37 15.59
N GLN C 23 22.20 23.70 15.65
CA GLN C 23 22.08 24.56 14.48
C GLN C 23 20.71 24.52 13.78
N ARG C 24 19.81 23.66 14.26
CA ARG C 24 18.47 23.54 13.67
C ARG C 24 17.54 24.61 14.23
N TYR C 25 17.39 25.69 13.47
CA TYR C 25 16.70 26.88 13.95
C TYR C 25 15.20 26.83 13.72
N GLY C 26 14.79 26.19 12.62
CA GLY C 26 13.39 26.06 12.29
C GLY C 26 12.67 25.18 13.31
N ASP C 27 13.31 24.10 13.71
CA ASP C 27 12.78 23.21 14.72
C ASP C 27 12.73 23.89 16.08
N ALA C 28 13.78 24.67 16.38
CA ALA C 28 13.84 25.45 17.60
C ALA C 28 12.71 26.46 17.68
N ILE C 29 12.40 27.08 16.54
CA ILE C 29 11.31 28.02 16.45
C ILE C 29 9.97 27.31 16.60
N LYS C 30 9.84 26.14 15.99
CA LYS C 30 8.62 25.34 16.13
C LYS C 30 8.35 25.02 17.59
N LEU C 31 9.38 24.53 18.29
CA LEU C 31 9.23 24.16 19.68
C LEU C 31 8.91 25.37 20.55
N TYR C 32 9.65 26.46 20.36
CA TYR C 32 9.40 27.65 21.15
C TYR C 32 7.97 28.15 20.93
N THR C 33 7.51 28.08 19.68
CA THR C 33 6.17 28.50 19.35
C THR C 33 5.14 27.62 20.04
N LEU C 34 5.44 26.33 20.08
CA LEU C 34 4.59 25.36 20.74
C LEU C 34 4.41 25.68 22.23
N GLY C 35 5.53 25.84 22.93
CA GLY C 35 5.52 26.24 24.32
C GLY C 35 4.74 27.52 24.52
N LEU C 36 4.96 28.49 23.63
CA LEU C 36 4.26 29.76 23.70
C LEU C 36 2.75 29.54 23.61
N GLN C 37 2.35 28.64 22.73
CA GLN C 37 0.93 28.34 22.53
C GLN C 37 0.35 27.67 23.76
N MET C 38 1.10 26.76 24.37
CA MET C 38 0.65 26.11 25.59
C MET C 38 0.52 27.11 26.73
N ALA C 39 1.37 28.13 26.71
CA ALA C 39 1.32 29.19 27.71
C ALA C 39 0.14 30.12 27.50
N LEU C 40 -0.16 30.44 26.24
CA LEU C 40 -1.14 31.47 25.93
C LEU C 40 -2.54 30.95 25.63
N THR C 41 -2.75 29.64 25.81
CA THR C 41 -4.07 29.03 25.60
C THR C 41 -4.74 28.72 26.94
N ARG C 42 -4.02 28.96 28.03
CA ARG C 42 -4.62 28.95 29.35
C ARG C 42 -5.60 30.10 29.46
N PRO C 43 -6.75 29.86 30.11
CA PRO C 43 -7.71 30.93 30.40
C PRO C 43 -7.08 31.95 31.34
N ALA C 44 -7.70 33.11 31.50
CA ALA C 44 -7.15 34.09 32.41
C ALA C 44 -7.65 33.93 33.84
N TRP C 45 -8.28 32.80 34.18
CA TRP C 45 -8.70 32.60 35.56
C TRP C 45 -7.47 32.44 36.44
N GLU C 46 -6.62 31.47 36.13
CA GLU C 46 -5.48 31.17 37.00
C GLU C 46 -4.21 31.80 36.46
N PRO C 47 -3.58 32.71 37.22
CA PRO C 47 -2.63 33.70 36.70
C PRO C 47 -1.43 33.06 36.01
N ALA C 48 -0.85 32.05 36.65
CA ALA C 48 0.35 31.38 36.19
C ALA C 48 0.78 30.32 37.20
N GLY C 49 1.72 29.49 36.79
CA GLY C 49 2.62 28.84 37.72
C GLY C 49 3.86 29.67 37.50
N LEU C 50 4.62 29.28 36.49
CA LEU C 50 5.55 30.20 35.86
C LEU C 50 5.12 30.38 34.41
N VAL C 51 4.01 31.04 34.18
CA VAL C 51 3.67 31.35 32.79
C VAL C 51 4.53 32.54 32.35
N ARG C 52 4.41 33.67 33.04
CA ARG C 52 5.15 34.89 32.69
C ARG C 52 6.65 34.64 32.55
N ASP C 53 7.26 34.14 33.62
CA ASP C 53 8.69 33.90 33.66
C ASP C 53 9.15 33.05 32.47
N GLU C 54 8.38 32.03 32.15
CA GLU C 54 8.63 31.17 31.01
C GLU C 54 8.53 31.90 29.67
N ILE C 55 7.46 32.66 29.45
CA ILE C 55 7.25 33.23 28.12
C ILE C 55 8.23 34.35 27.82
N HIS C 56 8.78 35.01 28.84
CA HIS C 56 9.81 36.00 28.52
C HIS C 56 11.03 35.25 27.94
N GLN C 57 11.36 34.12 28.54
CA GLN C 57 12.42 33.25 28.05
C GLN C 57 12.12 32.72 26.65
N LEU C 58 10.95 32.11 26.46
CA LEU C 58 10.52 31.60 25.16
C LEU C 58 10.63 32.66 24.06
N TYR C 59 10.13 33.86 24.37
CA TYR C 59 10.19 34.98 23.44
C TYR C 59 11.61 35.41 23.11
N SER C 60 12.48 35.50 24.12
CA SER C 60 13.85 35.92 23.88
C SER C 60 14.56 34.88 23.04
N ASN C 61 14.46 33.64 23.48
CA ASN C 61 15.02 32.48 22.79
C ASN C 61 14.62 32.41 21.32
N ARG C 62 13.33 32.51 21.06
CA ARG C 62 12.85 32.46 19.70
C ARG C 62 13.35 33.65 18.91
N ALA C 63 13.41 34.82 19.54
CA ALA C 63 14.01 35.98 18.89
C ALA C 63 15.44 35.66 18.43
N GLN C 64 16.22 35.02 19.29
CA GLN C 64 17.56 34.59 18.92
C GLN C 64 17.54 33.66 17.69
N ALA C 65 16.73 32.60 17.75
CA ALA C 65 16.59 31.70 16.62
C ALA C 65 16.26 32.43 15.32
N TYR C 66 15.35 33.40 15.39
CA TYR C 66 14.95 34.14 14.21
C TYR C 66 16.09 35.02 13.71
N MET C 67 16.88 35.56 14.64
CA MET C 67 18.01 36.40 14.26
C MET C 67 19.04 35.58 13.52
N GLN C 68 19.18 34.31 13.92
CA GLN C 68 20.13 33.41 13.27
C GLN C 68 19.68 33.00 11.87
N LEU C 69 18.40 33.21 11.55
CA LEU C 69 17.89 32.97 10.21
C LEU C 69 17.75 34.31 9.48
N GLY C 70 18.33 35.34 10.09
CA GLY C 70 18.33 36.67 9.50
C GLY C 70 16.96 37.28 9.33
N GLN C 71 15.97 36.74 10.04
CA GLN C 71 14.64 37.31 9.99
C GLN C 71 14.46 38.32 11.10
N TRP C 72 14.77 39.57 10.80
CA TRP C 72 14.85 40.63 11.79
C TRP C 72 13.52 41.16 12.33
N PRO C 73 12.51 41.41 11.46
CA PRO C 73 11.25 41.93 12.01
C PRO C 73 10.60 41.01 13.05
N GLU C 74 10.50 39.74 12.70
CA GLU C 74 9.95 38.72 13.60
C GLU C 74 10.70 38.71 14.94
N ALA C 75 12.01 38.64 14.87
CA ALA C 75 12.85 38.59 16.07
C ALA C 75 12.70 39.84 16.92
N ALA C 76 12.51 40.99 16.25
CA ALA C 76 12.33 42.25 16.95
C ALA C 76 11.03 42.24 17.71
N ALA C 77 9.98 41.76 17.05
CA ALA C 77 8.67 41.64 17.68
C ALA C 77 8.74 40.75 18.92
N ASP C 78 9.38 39.59 18.76
CA ASP C 78 9.51 38.67 19.89
C ASP C 78 10.31 39.27 21.04
N ALA C 79 11.43 39.92 20.73
CA ALA C 79 12.23 40.52 21.79
C ALA C 79 11.45 41.60 22.51
N GLU C 80 10.67 42.38 21.76
CA GLU C 80 9.79 43.37 22.35
C GLU C 80 8.82 42.71 23.33
N CYS C 81 8.20 41.62 22.91
CA CYS C 81 7.30 40.87 23.80
C CYS C 81 8.02 40.34 25.05
N SER C 82 9.23 39.83 24.88
CA SER C 82 10.03 39.37 26.01
C SER C 82 10.31 40.51 26.99
N VAL C 83 10.53 41.70 26.46
CA VAL C 83 10.71 42.88 27.29
C VAL C 83 9.42 43.25 28.03
N GLU C 84 8.26 43.06 27.39
CA GLU C 84 7.02 43.37 28.09
C GLU C 84 6.75 42.34 29.19
N ALA C 85 7.06 41.08 28.94
CA ALA C 85 6.88 40.05 29.95
C ALA C 85 7.86 40.23 31.10
N LYS C 86 8.93 40.96 30.83
CA LYS C 86 9.97 41.21 31.82
C LYS C 86 10.91 42.32 31.35
N ARG C 87 10.73 43.52 31.89
CA ARG C 87 11.54 44.68 31.49
C ARG C 87 12.84 44.78 32.27
N GLN C 88 12.86 44.24 33.49
CA GLN C 88 14.04 44.27 34.32
C GLN C 88 14.72 42.91 34.37
N GLY C 89 16.05 42.90 34.46
CA GLY C 89 16.81 41.67 34.53
C GLY C 89 16.70 40.84 33.27
N ASN C 90 16.32 41.49 32.17
CA ASN C 90 16.17 40.82 30.89
C ASN C 90 17.01 41.51 29.82
N ALA C 91 18.26 41.79 30.16
CA ALA C 91 19.14 42.56 29.32
C ALA C 91 19.39 41.94 27.94
N LYS C 92 19.31 40.61 27.86
CA LYS C 92 19.58 39.91 26.62
C LYS C 92 18.55 40.23 25.56
N ALA C 93 17.27 40.13 25.90
CA ALA C 93 16.21 40.58 25.02
C ALA C 93 16.43 42.01 24.57
N TRP C 94 16.93 42.84 25.49
CA TRP C 94 17.22 44.24 25.19
C TRP C 94 18.24 44.31 24.03
N TYR C 95 19.39 43.67 24.24
CA TYR C 95 20.36 43.50 23.15
C TYR C 95 19.68 43.08 21.84
N ARG C 96 18.88 42.02 21.89
CA ARG C 96 18.27 41.46 20.67
C ARG C 96 17.36 42.39 19.88
N ARG C 97 16.40 43.04 20.52
CA ARG C 97 15.59 43.97 19.74
C ARG C 97 16.46 45.10 19.23
N GLY C 98 17.42 45.55 20.04
CA GLY C 98 18.35 46.57 19.59
C GLY C 98 18.99 46.26 18.25
N LYS C 99 19.67 45.11 18.21
CA LYS C 99 20.36 44.69 17.00
C LYS C 99 19.41 44.47 15.83
N CYS C 100 18.24 43.90 16.10
CA CYS C 100 17.25 43.71 15.04
C CYS C 100 16.84 45.02 14.39
N LEU C 101 16.57 46.03 15.22
CA LEU C 101 16.27 47.36 14.72
C LEU C 101 17.41 47.93 13.87
N MET C 102 18.63 47.78 14.33
CA MET C 102 19.79 48.21 13.54
C MET C 102 19.86 47.54 12.15
N GLU C 103 19.71 46.22 12.13
CA GLU C 103 19.71 45.47 10.87
C GLU C 103 18.64 45.96 9.90
N MET C 104 17.56 46.50 10.44
CA MET C 104 16.44 46.97 9.63
C MET C 104 16.60 48.46 9.31
N ARG C 105 17.82 48.96 9.48
CA ARG C 105 18.18 50.34 9.19
C ARG C 105 17.39 51.34 10.03
N ARG C 106 16.87 50.88 11.16
CA ARG C 106 16.13 51.74 12.07
C ARG C 106 17.06 52.18 13.19
N LEU C 107 18.02 53.03 12.83
CA LEU C 107 19.13 53.37 13.72
C LEU C 107 18.72 54.30 14.86
N GLN C 108 17.87 55.26 14.57
CA GLN C 108 17.37 56.18 15.60
C GLN C 108 16.60 55.43 16.66
N GLU C 109 15.71 54.55 16.20
CA GLU C 109 14.86 53.77 17.09
C GLU C 109 15.68 52.79 17.91
N ALA C 110 16.59 52.09 17.25
CA ALA C 110 17.51 51.19 17.92
C ALA C 110 18.23 51.94 19.03
N ARG C 111 18.77 53.10 18.66
CA ARG C 111 19.39 54.04 19.60
C ARG C 111 18.55 54.27 20.86
N GLU C 112 17.32 54.73 20.65
CA GLU C 112 16.42 55.03 21.77
C GLU C 112 16.14 53.81 22.64
N TRP C 113 15.79 52.71 21.98
CA TRP C 113 15.39 51.49 22.66
C TRP C 113 16.58 50.89 23.46
N VAL C 114 17.79 50.91 22.90
CA VAL C 114 18.98 50.44 23.65
C VAL C 114 19.30 51.38 24.83
N ALA C 115 19.18 52.70 24.60
CA ALA C 115 19.38 53.66 25.69
C ALA C 115 18.43 53.44 26.87
N ARG C 116 17.13 53.36 26.58
CA ARG C 116 16.11 53.02 27.57
C ARG C 116 16.41 51.69 28.24
N GLY C 117 16.97 50.76 27.49
CA GLY C 117 17.37 49.48 28.05
C GLY C 117 18.55 49.61 28.98
N LEU C 118 19.29 50.71 28.82
CA LEU C 118 20.36 51.02 29.76
C LEU C 118 19.78 51.67 31.01
N GLU C 119 18.69 52.41 30.85
CA GLU C 119 17.98 52.93 32.02
C GLU C 119 17.47 51.78 32.89
N PHE C 120 16.71 50.87 32.29
CA PHE C 120 16.26 49.66 32.97
C PHE C 120 17.43 48.70 33.13
N GLU C 121 17.99 48.67 34.34
CA GLU C 121 19.28 48.03 34.57
C GLU C 121 19.22 46.50 34.61
N GLY C 122 20.18 45.89 33.92
CA GLY C 122 20.41 44.46 33.99
C GLY C 122 21.90 44.23 34.11
N GLU C 123 22.53 43.83 33.01
CA GLU C 123 23.99 43.75 32.93
C GLU C 123 24.43 44.42 31.62
N GLU C 124 25.17 45.52 31.75
CA GLU C 124 25.22 46.55 30.71
C GLU C 124 26.32 46.47 29.65
N LYS C 125 27.29 45.57 29.83
CA LYS C 125 28.46 45.50 28.96
C LYS C 125 28.11 45.43 27.46
N GLU C 126 27.35 44.42 27.09
CA GLU C 126 27.08 44.14 25.68
C GLU C 126 26.04 45.12 25.12
N LEU C 127 25.11 45.53 25.99
CA LEU C 127 24.19 46.63 25.66
C LEU C 127 24.96 47.90 25.34
N ALA C 128 25.99 48.18 26.15
CA ALA C 128 26.83 49.35 25.96
C ALA C 128 27.63 49.29 24.65
N GLU C 129 28.28 48.17 24.38
CA GLU C 129 29.04 48.05 23.14
C GLU C 129 28.10 48.23 21.92
N LEU C 130 26.89 47.68 22.03
CA LEU C 130 25.84 47.85 21.02
C LEU C 130 25.60 49.35 20.82
N LEU C 131 25.17 50.02 21.89
CA LEU C 131 25.06 51.47 21.96
C LEU C 131 26.15 52.23 21.20
N LYS C 132 27.40 51.90 21.50
CA LYS C 132 28.55 52.45 20.77
C LYS C 132 28.39 52.26 19.26
N GLU C 133 28.16 51.01 18.85
CA GLU C 133 27.89 50.73 17.44
C GLU C 133 26.77 51.61 16.85
N ILE C 134 25.56 51.57 17.43
CA ILE C 134 24.46 52.40 16.89
C ILE C 134 24.93 53.86 16.71
N ASP C 135 25.48 54.44 17.78
CA ASP C 135 26.01 55.81 17.74
C ASP C 135 26.96 56.09 16.56
N SER C 136 27.89 55.17 16.32
CA SER C 136 28.87 55.33 15.23
C SER C 136 28.22 55.26 13.84
N LYS C 137 27.37 54.26 13.64
CA LYS C 137 26.63 54.17 12.38
C LYS C 137 25.78 55.42 12.16
N LEU C 138 25.33 56.05 13.24
CA LEU C 138 24.63 57.33 13.15
C LEU C 138 25.59 58.43 12.70
N ALA C 139 26.80 58.37 13.26
CA ALA C 139 27.86 59.31 12.93
C ALA C 139 28.10 59.33 11.44
N ALA C 140 28.04 58.16 10.81
CA ALA C 140 28.24 58.07 9.35
C ALA C 140 27.21 58.86 8.49
N GLU C 141 25.92 58.64 8.73
CA GLU C 141 24.89 59.42 8.00
C GLU C 141 25.12 60.91 8.23
N LYS C 142 25.36 61.27 9.49
CA LYS C 142 25.70 62.65 9.82
C LYS C 142 26.85 63.15 8.93
N ALA C 143 27.92 62.35 8.86
CA ALA C 143 29.12 62.65 8.07
C ALA C 143 28.77 62.97 6.63
N SER C 144 27.94 62.11 6.02
CA SER C 144 27.47 62.36 4.66
C SER C 144 26.73 63.70 4.54
N ARG C 145 26.00 64.11 5.57
CA ARG C 145 25.22 65.36 5.47
C ARG C 145 26.06 66.65 5.70
N ASP C 146 26.96 66.58 6.67
CA ASP C 146 27.92 67.65 6.91
C ASP C 146 28.74 67.87 5.63
N ALA C 147 29.20 66.75 5.05
CA ALA C 147 29.84 66.80 3.74
C ALA C 147 28.90 67.42 2.71
N HIS C 148 27.63 67.04 2.76
CA HIS C 148 26.60 67.54 1.84
C HIS C 148 26.59 69.06 1.74
N ASP C 149 26.73 69.77 2.86
CA ASP C 149 26.62 71.25 2.78
C ASP C 149 27.86 72.10 3.13
N ASN C 150 29.01 71.48 3.34
CA ASN C 150 30.29 72.16 3.67
C ASN C 150 30.20 73.26 4.76
N ALA D 7 -13.98 34.39 -2.65
CA ALA D 7 -13.22 33.15 -2.72
C ALA D 7 -11.85 33.37 -3.36
N ASN D 8 -11.22 34.50 -3.02
CA ASN D 8 -9.88 34.81 -3.53
C ASN D 8 -8.81 33.88 -2.94
N ILE D 9 -9.23 32.97 -2.07
CA ILE D 9 -8.36 31.95 -1.51
C ILE D 9 -7.70 31.14 -2.64
N ASN D 10 -8.39 31.05 -3.77
CA ASN D 10 -7.86 30.44 -4.99
C ASN D 10 -6.41 30.90 -5.21
N LYS D 11 -6.21 32.21 -5.14
CA LYS D 11 -4.89 32.81 -5.27
C LYS D 11 -3.85 32.07 -4.42
N LEU D 12 -4.13 32.00 -3.12
CA LEU D 12 -3.23 31.31 -2.21
C LEU D 12 -2.94 29.88 -2.66
N ARG D 13 -3.99 29.13 -2.98
CA ARG D 13 -3.80 27.76 -3.47
C ARG D 13 -2.80 27.79 -4.62
N GLU D 14 -3.05 28.68 -5.58
CA GLU D 14 -2.16 28.78 -6.74
C GLU D 14 -0.72 29.04 -6.31
N SER D 15 -0.54 29.96 -5.37
CA SER D 15 0.81 30.24 -4.86
C SER D 15 1.43 28.95 -4.34
N GLY D 16 0.69 28.24 -3.49
CA GLY D 16 1.13 26.94 -3.01
C GLY D 16 1.45 26.02 -4.17
N ASN D 17 0.53 25.98 -5.14
CA ASN D 17 0.74 25.18 -6.34
C ASN D 17 2.07 25.53 -6.99
N ALA D 18 2.39 26.81 -7.09
CA ALA D 18 3.69 27.22 -7.63
C ALA D 18 4.81 26.54 -6.87
N GLU D 19 4.81 26.70 -5.55
CA GLU D 19 5.84 26.14 -4.71
C GLU D 19 5.91 24.61 -4.83
N TYR D 20 4.79 24.00 -5.21
CA TYR D 20 4.78 22.55 -5.37
C TYR D 20 5.67 22.14 -6.55
N ARG D 21 5.63 22.90 -7.64
CA ARG D 21 6.38 22.56 -8.86
C ARG D 21 7.87 22.84 -8.73
N LYS D 22 8.22 23.64 -7.73
CA LYS D 22 9.60 24.01 -7.49
C LYS D 22 10.22 23.02 -6.53
N GLN D 23 9.40 22.00 -6.19
CA GLN D 23 9.72 20.91 -5.29
C GLN D 23 9.98 21.34 -3.83
N ARG D 24 9.79 22.63 -3.53
CA ARG D 24 9.86 23.10 -2.14
C ARG D 24 8.50 22.89 -1.50
N TYR D 25 8.20 21.64 -1.16
CA TYR D 25 6.87 21.23 -0.76
C TYR D 25 6.42 21.81 0.59
N GLY D 26 7.37 22.08 1.48
CA GLY D 26 7.03 22.64 2.77
C GLY D 26 6.32 23.98 2.67
N ASP D 27 6.87 24.86 1.83
CA ASP D 27 6.29 26.19 1.64
C ASP D 27 4.90 26.05 1.01
N ALA D 28 4.76 25.08 0.11
CA ALA D 28 3.47 24.80 -0.51
C ALA D 28 2.46 24.33 0.55
N ILE D 29 2.94 23.53 1.49
CA ILE D 29 2.11 23.11 2.61
C ILE D 29 1.64 24.33 3.38
N LYS D 30 2.55 25.25 3.65
CA LYS D 30 2.20 26.45 4.42
C LYS D 30 1.17 27.32 3.70
N LEU D 31 1.33 27.48 2.40
CA LEU D 31 0.39 28.29 1.61
C LEU D 31 -0.98 27.63 1.51
N TYR D 32 -0.99 26.31 1.31
CA TYR D 32 -2.24 25.55 1.29
C TYR D 32 -2.94 25.69 2.64
N THR D 33 -2.15 25.59 3.70
CA THR D 33 -2.67 25.72 5.06
C THR D 33 -3.30 27.09 5.26
N LEU D 34 -2.62 28.14 4.80
CA LEU D 34 -3.17 29.47 4.91
C LEU D 34 -4.49 29.56 4.16
N GLY D 35 -4.55 28.96 2.99
CA GLY D 35 -5.79 28.94 2.23
C GLY D 35 -6.91 28.29 3.04
N LEU D 36 -6.56 27.18 3.70
CA LEU D 36 -7.52 26.47 4.52
C LEU D 36 -8.01 27.33 5.66
N GLN D 37 -7.10 28.06 6.32
CA GLN D 37 -7.49 28.91 7.44
C GLN D 37 -8.39 30.03 6.98
N MET D 38 -8.06 30.60 5.83
CA MET D 38 -8.87 31.66 5.24
C MET D 38 -10.24 31.14 4.81
N ALA D 39 -10.32 29.83 4.64
CA ALA D 39 -11.57 29.17 4.32
C ALA D 39 -12.40 28.85 5.56
N LEU D 40 -11.72 28.45 6.62
CA LEU D 40 -12.34 27.89 7.82
C LEU D 40 -12.67 28.94 8.88
N THR D 41 -12.17 30.15 8.69
CA THR D 41 -12.43 31.23 9.64
C THR D 41 -13.63 32.10 9.23
N ARG D 42 -14.38 31.69 8.22
CA ARG D 42 -15.60 32.42 7.87
C ARG D 42 -16.64 32.16 8.95
N PRO D 43 -17.48 33.16 9.23
CA PRO D 43 -18.60 32.99 10.16
C PRO D 43 -19.48 31.83 9.75
N ALA D 44 -20.14 31.20 10.71
CA ALA D 44 -20.96 30.02 10.44
C ALA D 44 -22.19 30.32 9.60
N TRP D 45 -22.57 31.58 9.49
CA TRP D 45 -23.81 31.93 8.81
C TRP D 45 -23.58 32.36 7.37
N GLU D 46 -22.34 32.29 6.92
CA GLU D 46 -22.01 32.53 5.53
C GLU D 46 -22.29 31.29 4.72
N PRO D 47 -22.70 31.46 3.45
CA PRO D 47 -22.85 30.33 2.53
C PRO D 47 -21.56 29.54 2.51
N ALA D 48 -21.62 28.21 2.45
CA ALA D 48 -20.41 27.42 2.60
C ALA D 48 -19.92 26.72 1.33
N GLY D 49 -20.74 26.69 0.29
CA GLY D 49 -20.43 25.91 -0.92
C GLY D 49 -19.30 26.45 -1.78
N LEU D 50 -19.37 27.74 -2.04
CA LEU D 50 -18.31 28.47 -2.73
C LEU D 50 -16.95 28.02 -2.22
N VAL D 51 -16.75 28.14 -0.92
CA VAL D 51 -15.52 27.77 -0.29
C VAL D 51 -15.37 26.25 -0.19
N ARG D 52 -16.49 25.52 -0.28
CA ARG D 52 -16.45 24.06 -0.31
C ARG D 52 -15.53 23.54 -1.40
N ASP D 53 -15.83 23.91 -2.66
CA ASP D 53 -15.01 23.37 -3.74
C ASP D 53 -13.52 23.69 -3.51
N GLU D 54 -13.25 24.94 -3.17
CA GLU D 54 -11.88 25.38 -2.88
C GLU D 54 -11.20 24.53 -1.81
N ILE D 55 -11.96 24.19 -0.78
CA ILE D 55 -11.42 23.39 0.32
C ILE D 55 -11.11 21.95 -0.14
N HIS D 56 -11.99 21.36 -0.94
CA HIS D 56 -11.67 20.05 -1.50
C HIS D 56 -10.33 20.16 -2.26
N GLN D 57 -10.17 21.22 -3.03
CA GLN D 57 -8.93 21.36 -3.79
C GLN D 57 -7.70 21.52 -2.90
N LEU D 58 -7.81 22.40 -1.90
CA LEU D 58 -6.72 22.71 -0.99
C LEU D 58 -6.28 21.48 -0.20
N TYR D 59 -7.25 20.73 0.27
CA TYR D 59 -6.96 19.49 0.96
C TYR D 59 -6.27 18.47 0.06
N SER D 60 -6.81 18.26 -1.14
CA SER D 60 -6.20 17.30 -2.06
C SER D 60 -4.74 17.67 -2.38
N ASN D 61 -4.53 18.90 -2.84
CA ASN D 61 -3.19 19.37 -3.16
C ASN D 61 -2.21 19.30 -1.98
N ARG D 62 -2.68 19.70 -0.79
CA ARG D 62 -1.81 19.59 0.39
C ARG D 62 -1.49 18.15 0.73
N ALA D 63 -2.43 17.26 0.45
CA ALA D 63 -2.18 15.84 0.63
C ALA D 63 -1.05 15.39 -0.29
N GLN D 64 -1.11 15.80 -1.57
CA GLN D 64 -0.06 15.42 -2.51
C GLN D 64 1.31 15.94 -2.07
N ALA D 65 1.41 17.23 -1.73
CA ALA D 65 2.69 17.78 -1.26
C ALA D 65 3.20 17.00 -0.04
N TYR D 66 2.31 16.73 0.91
CA TYR D 66 2.67 15.96 2.09
C TYR D 66 3.25 14.61 1.71
N MET D 67 2.62 13.96 0.74
CA MET D 67 3.13 12.67 0.23
C MET D 67 4.54 12.84 -0.32
N GLN D 68 4.75 13.88 -1.11
CA GLN D 68 6.09 14.16 -1.65
C GLN D 68 7.09 14.34 -0.53
N LEU D 69 6.62 14.74 0.65
CA LEU D 69 7.50 14.84 1.80
C LEU D 69 7.67 13.49 2.50
N GLY D 70 6.86 12.52 2.11
CA GLY D 70 7.01 11.16 2.61
C GLY D 70 6.29 10.84 3.91
N GLN D 71 5.46 11.77 4.38
CA GLN D 71 4.68 11.52 5.60
C GLN D 71 3.24 11.23 5.27
N TRP D 72 2.86 9.97 5.44
CA TRP D 72 1.57 9.46 4.98
C TRP D 72 0.34 9.76 5.87
N PRO D 73 0.47 9.74 7.22
CA PRO D 73 -0.75 9.97 8.00
C PRO D 73 -1.43 11.32 7.72
N GLU D 74 -0.64 12.38 7.69
CA GLU D 74 -1.14 13.71 7.37
C GLU D 74 -1.84 13.73 6.00
N ALA D 75 -1.18 13.15 5.00
CA ALA D 75 -1.71 13.10 3.66
C ALA D 75 -3.02 12.30 3.57
N ALA D 76 -3.08 11.17 4.28
CA ALA D 76 -4.30 10.37 4.33
C ALA D 76 -5.46 11.18 4.93
N ALA D 77 -5.17 11.86 6.03
CA ALA D 77 -6.15 12.75 6.66
C ALA D 77 -6.65 13.85 5.72
N ASP D 78 -5.72 14.58 5.13
CA ASP D 78 -6.05 15.63 4.16
C ASP D 78 -6.90 15.09 3.01
N ALA D 79 -6.47 13.97 2.44
CA ALA D 79 -7.20 13.34 1.34
C ALA D 79 -8.63 12.99 1.77
N GLU D 80 -8.78 12.45 2.98
CA GLU D 80 -10.10 12.10 3.47
C GLU D 80 -10.97 13.35 3.65
N CYS D 81 -10.37 14.45 4.11
CA CYS D 81 -11.13 15.69 4.23
C CYS D 81 -11.57 16.19 2.86
N SER D 82 -10.69 16.04 1.87
CA SER D 82 -11.01 16.41 0.50
C SER D 82 -12.22 15.63 0.02
N VAL D 83 -12.21 14.33 0.28
CA VAL D 83 -13.33 13.46 -0.11
C VAL D 83 -14.60 13.82 0.64
N GLU D 84 -14.47 14.25 1.89
CA GLU D 84 -15.64 14.65 2.69
C GLU D 84 -16.24 15.94 2.14
N ALA D 85 -15.38 16.80 1.61
CA ALA D 85 -15.86 18.04 1.02
C ALA D 85 -16.38 17.79 -0.40
N LYS D 86 -15.71 16.89 -1.12
CA LYS D 86 -16.18 16.47 -2.44
C LYS D 86 -16.15 14.96 -2.58
N ARG D 87 -17.32 14.34 -2.60
CA ARG D 87 -17.40 12.89 -2.60
C ARG D 87 -17.22 12.31 -4.00
N GLN D 88 -17.78 12.99 -5.00
CA GLN D 88 -17.68 12.53 -6.39
C GLN D 88 -17.10 13.63 -7.27
N GLY D 89 -16.27 13.24 -8.24
CA GLY D 89 -15.62 14.21 -9.10
C GLY D 89 -14.23 14.50 -8.58
N ASN D 90 -13.88 13.83 -7.49
CA ASN D 90 -12.59 14.05 -6.85
C ASN D 90 -11.79 12.75 -6.78
N ALA D 91 -11.46 12.20 -7.94
CA ALA D 91 -10.79 10.91 -8.05
C ALA D 91 -9.39 10.92 -7.44
N LYS D 92 -8.68 12.03 -7.63
CA LYS D 92 -7.31 12.14 -7.14
C LYS D 92 -7.24 11.97 -5.62
N ALA D 93 -8.23 12.51 -4.91
CA ALA D 93 -8.23 12.43 -3.45
C ALA D 93 -8.40 10.98 -2.98
N TRP D 94 -9.36 10.29 -3.60
CA TRP D 94 -9.55 8.86 -3.40
C TRP D 94 -8.23 8.12 -3.57
N TYR D 95 -7.57 8.41 -4.68
CA TYR D 95 -6.28 7.81 -4.99
C TYR D 95 -5.26 8.05 -3.88
N ARG D 96 -5.15 9.29 -3.43
CA ARG D 96 -4.10 9.65 -2.49
C ARG D 96 -4.31 8.98 -1.14
N ARG D 97 -5.55 8.95 -0.67
CA ARG D 97 -5.80 8.29 0.60
C ARG D 97 -5.51 6.80 0.47
N GLY D 98 -5.95 6.21 -0.63
CA GLY D 98 -5.67 4.81 -0.91
C GLY D 98 -4.18 4.49 -0.85
N LYS D 99 -3.39 5.28 -1.58
CA LYS D 99 -1.96 5.08 -1.62
C LYS D 99 -1.32 5.27 -0.24
N CYS D 100 -1.78 6.26 0.50
CA CYS D 100 -1.28 6.49 1.85
C CYS D 100 -1.52 5.29 2.74
N LEU D 101 -2.75 4.79 2.72
CA LEU D 101 -3.10 3.58 3.47
C LEU D 101 -2.21 2.40 3.06
N MET D 102 -1.89 2.33 1.78
CA MET D 102 -1.00 1.28 1.31
C MET D 102 0.42 1.45 1.88
N GLU D 103 0.92 2.69 1.88
CA GLU D 103 2.26 2.96 2.36
C GLU D 103 2.36 2.78 3.87
N MET D 104 1.23 2.90 4.55
CA MET D 104 1.19 2.68 5.99
C MET D 104 0.93 1.22 6.31
N ARG D 105 1.10 0.37 5.30
CA ARG D 105 0.90 -1.08 5.42
C ARG D 105 -0.51 -1.40 5.91
N ARG D 106 -1.46 -0.57 5.52
CA ARG D 106 -2.86 -0.77 5.88
C ARG D 106 -3.65 -1.16 4.63
N LEU D 107 -3.40 -2.38 4.16
CA LEU D 107 -3.81 -2.80 2.82
C LEU D 107 -5.31 -3.07 2.69
N GLN D 108 -5.88 -3.77 3.66
CA GLN D 108 -7.31 -4.10 3.64
C GLN D 108 -8.18 -2.85 3.53
N GLU D 109 -7.90 -1.89 4.40
CA GLU D 109 -8.67 -0.65 4.46
C GLU D 109 -8.45 0.18 3.19
N ALA D 110 -7.25 0.07 2.61
CA ALA D 110 -6.97 0.70 1.33
C ALA D 110 -7.87 0.11 0.27
N ARG D 111 -7.97 -1.21 0.25
CA ARG D 111 -8.81 -1.95 -0.68
C ARG D 111 -10.25 -1.47 -0.60
N GLU D 112 -10.78 -1.47 0.62
CA GLU D 112 -12.13 -0.99 0.87
C GLU D 112 -12.32 0.41 0.30
N TRP D 113 -11.39 1.30 0.68
CA TRP D 113 -11.44 2.70 0.28
C TRP D 113 -11.52 2.86 -1.25
N VAL D 114 -10.54 2.32 -1.95
CA VAL D 114 -10.51 2.44 -3.41
C VAL D 114 -11.76 1.84 -4.05
N ALA D 115 -12.17 0.68 -3.55
CA ALA D 115 -13.37 0.01 -4.05
C ALA D 115 -14.60 0.92 -3.94
N ARG D 116 -14.67 1.69 -2.86
CA ARG D 116 -15.71 2.70 -2.70
C ARG D 116 -15.58 3.81 -3.76
N GLY D 117 -14.38 4.38 -3.80
CA GLY D 117 -14.09 5.46 -4.72
C GLY D 117 -14.52 5.16 -6.13
N LEU D 118 -14.27 3.92 -6.55
CA LEU D 118 -14.57 3.49 -7.92
C LEU D 118 -16.07 3.39 -8.16
N GLU D 119 -16.82 2.97 -7.15
CA GLU D 119 -18.27 3.02 -7.20
C GLU D 119 -18.70 4.45 -7.52
N PHE D 120 -17.98 5.42 -6.96
CA PHE D 120 -18.33 6.82 -7.29
C PHE D 120 -17.95 7.28 -8.68
N GLU D 121 -16.69 7.11 -9.06
CA GLU D 121 -16.23 7.53 -10.37
C GLU D 121 -16.55 6.45 -11.42
N GLU D 123 -12.97 7.08 -15.05
CA GLU D 123 -11.79 7.49 -14.29
C GLU D 123 -11.27 6.27 -13.54
N GLU D 124 -11.77 5.13 -13.90
CA GLU D 124 -11.35 3.98 -13.16
C GLU D 124 -9.89 3.72 -13.42
N LYS D 125 -9.35 4.35 -14.45
CA LYS D 125 -7.99 4.04 -14.83
C LYS D 125 -6.92 4.23 -13.80
N GLU D 126 -6.86 5.37 -13.17
CA GLU D 126 -5.83 5.56 -12.16
C GLU D 126 -6.13 4.73 -10.94
N LEU D 127 -7.38 4.83 -10.53
CA LEU D 127 -7.86 4.18 -9.35
C LEU D 127 -7.84 2.69 -9.41
N ALA D 128 -8.27 2.19 -10.54
CA ALA D 128 -8.33 0.77 -10.80
C ALA D 128 -7.00 0.11 -10.89
N GLU D 129 -6.01 0.66 -11.61
CA GLU D 129 -4.69 0.04 -11.45
C GLU D 129 -4.21 0.12 -9.99
N LEU D 130 -4.49 1.23 -9.30
CA LEU D 130 -4.13 1.29 -7.88
C LEU D 130 -4.75 0.11 -7.08
N LEU D 131 -6.04 -0.09 -7.25
CA LEU D 131 -6.81 -1.19 -6.64
C LEU D 131 -6.23 -2.57 -6.96
N LYS D 132 -6.04 -2.80 -8.26
CA LYS D 132 -5.42 -4.01 -8.80
C LYS D 132 -4.11 -4.32 -8.08
N GLU D 133 -3.27 -3.29 -7.98
CA GLU D 133 -2.00 -3.39 -7.29
C GLU D 133 -2.20 -3.75 -5.81
N ILE D 134 -3.24 -3.18 -5.21
CA ILE D 134 -3.54 -3.46 -3.80
C ILE D 134 -3.91 -4.94 -3.56
N ASP D 135 -4.87 -5.49 -4.30
CA ASP D 135 -5.23 -6.88 -4.01
C ASP D 135 -4.15 -7.85 -4.54
N SER D 136 -3.28 -7.36 -5.43
CA SER D 136 -2.10 -8.12 -5.85
C SER D 136 -1.12 -8.32 -4.67
N LYS D 137 -0.75 -7.19 -4.08
CA LYS D 137 0.02 -7.20 -2.83
C LYS D 137 -0.63 -8.14 -1.79
N LEU D 138 -1.94 -7.97 -1.57
CA LEU D 138 -2.69 -8.86 -0.68
C LEU D 138 -2.46 -10.35 -0.97
N ALA D 139 -2.55 -10.72 -2.24
CA ALA D 139 -2.20 -12.08 -2.65
C ALA D 139 -0.81 -12.49 -2.16
N ALA D 140 0.17 -11.63 -2.44
CA ALA D 140 1.54 -11.84 -1.95
C ALA D 140 1.58 -12.18 -0.45
N GLU D 141 0.86 -11.43 0.37
CA GLU D 141 0.82 -11.78 1.81
C GLU D 141 0.18 -13.13 2.07
N LYS D 142 -0.99 -13.38 1.49
CA LYS D 142 -1.71 -14.60 1.77
C LYS D 142 -0.87 -15.86 1.51
N ALA D 143 -0.18 -15.84 0.38
CA ALA D 143 0.76 -16.90 0.05
C ALA D 143 1.75 -17.19 1.20
N SER D 144 2.48 -16.16 1.63
CA SER D 144 3.45 -16.30 2.71
C SER D 144 2.83 -16.86 3.98
N ARG D 145 1.62 -16.38 4.30
CA ARG D 145 0.92 -16.89 5.48
C ARG D 145 0.67 -18.39 5.38
N ASP D 146 0.42 -18.90 4.19
CA ASP D 146 0.18 -20.33 4.12
C ASP D 146 1.47 -21.14 4.34
N ALA D 147 2.52 -20.70 3.68
CA ALA D 147 3.79 -21.38 3.76
C ALA D 147 4.32 -21.40 5.17
N HIS D 148 4.08 -20.33 5.90
CA HIS D 148 4.62 -20.14 7.24
C HIS D 148 4.32 -21.27 8.19
N ASP D 149 3.10 -21.78 8.21
CA ASP D 149 2.83 -22.91 9.08
C ASP D 149 2.39 -24.13 8.31
N ASN D 150 2.52 -24.05 7.00
CA ASN D 150 2.16 -25.14 6.12
C ASN D 150 0.66 -25.24 5.93
N PRO D 153 -5.42 -26.44 5.75
CA PRO D 153 -6.14 -27.08 4.65
C PRO D 153 -7.46 -27.66 5.14
N THR D 154 -7.98 -27.06 6.22
CA THR D 154 -9.15 -27.57 6.92
C THR D 154 -10.39 -27.69 6.03
N VAL D 155 -10.47 -26.86 5.00
CA VAL D 155 -11.64 -26.80 4.14
C VAL D 155 -11.98 -28.14 3.46
N GLU D 156 -10.95 -28.82 2.99
CA GLU D 156 -11.13 -30.10 2.32
C GLU D 156 -11.56 -31.17 3.31
N GLU D 157 -11.04 -31.06 4.53
CA GLU D 157 -11.30 -32.07 5.56
C GLU D 157 -12.79 -32.23 5.82
N VAL D 158 -13.17 -33.44 6.18
CA VAL D 158 -14.56 -33.78 6.33
C VAL D 158 -14.82 -34.19 7.77
N ASP D 159 -15.89 -33.67 8.36
CA ASP D 159 -16.23 -34.03 9.73
C ASP D 159 -17.44 -34.95 9.73
N PRO E 3 14.42 -25.13 -50.52
CA PRO E 3 13.49 -24.07 -50.11
C PRO E 3 12.19 -24.60 -49.49
N LYS E 4 11.94 -25.90 -49.60
CA LYS E 4 10.68 -26.49 -49.16
C LYS E 4 10.60 -26.56 -47.62
N ARG E 5 11.72 -26.91 -47.00
CA ARG E 5 11.85 -26.96 -45.55
C ARG E 5 11.36 -25.68 -44.90
N SER E 6 11.98 -24.57 -45.28
CA SER E 6 11.66 -23.26 -44.70
C SER E 6 10.22 -22.85 -44.99
N ALA E 7 9.76 -23.12 -46.21
CA ALA E 7 8.38 -22.87 -46.60
C ALA E 7 7.40 -23.53 -45.62
N ASN E 8 7.65 -24.80 -45.29
CA ASN E 8 6.77 -25.53 -44.38
C ASN E 8 6.71 -24.93 -42.97
N ILE E 9 7.81 -24.37 -42.48
CA ILE E 9 7.75 -23.70 -41.18
C ILE E 9 6.99 -22.38 -41.32
N ASN E 10 7.11 -21.73 -42.48
CA ASN E 10 6.23 -20.60 -42.74
C ASN E 10 4.75 -21.01 -42.59
N LYS E 11 4.39 -22.17 -43.18
CA LYS E 11 3.04 -22.71 -43.05
C LYS E 11 2.63 -22.92 -41.59
N LEU E 12 3.48 -23.64 -40.85
CA LEU E 12 3.19 -23.91 -39.43
C LEU E 12 2.99 -22.59 -38.66
N ARG E 13 3.83 -21.60 -38.94
CA ARG E 13 3.73 -20.32 -38.25
C ARG E 13 2.45 -19.59 -38.59
N GLU E 14 2.09 -19.55 -39.88
CA GLU E 14 0.86 -18.87 -40.27
C GLU E 14 -0.34 -19.53 -39.63
N SER E 15 -0.37 -20.86 -39.63
CA SER E 15 -1.42 -21.59 -38.91
C SER E 15 -1.53 -21.12 -37.46
N GLY E 16 -0.38 -21.14 -36.76
CA GLY E 16 -0.31 -20.56 -35.43
C GLY E 16 -0.91 -19.17 -35.31
N ASN E 17 -0.56 -18.29 -36.25
CA ASN E 17 -1.08 -16.93 -36.27
C ASN E 17 -2.60 -16.86 -36.45
N ALA E 18 -3.11 -17.71 -37.34
CA ALA E 18 -4.54 -17.79 -37.60
C ALA E 18 -5.25 -18.15 -36.32
N GLU E 19 -4.67 -19.07 -35.58
CA GLU E 19 -5.27 -19.48 -34.32
C GLU E 19 -5.13 -18.39 -33.26
N TYR E 20 -4.05 -17.62 -33.33
CA TYR E 20 -3.89 -16.42 -32.50
C TYR E 20 -5.04 -15.43 -32.75
N ARG E 21 -5.41 -15.28 -34.02
CA ARG E 21 -6.45 -14.35 -34.44
C ARG E 21 -7.82 -14.69 -33.86
N LYS E 22 -8.10 -15.98 -33.75
CA LYS E 22 -9.36 -16.45 -33.19
C LYS E 22 -9.27 -16.50 -31.68
N GLN E 23 -8.37 -15.68 -31.13
CA GLN E 23 -8.22 -15.52 -29.69
C GLN E 23 -7.89 -16.83 -28.98
N ARG E 24 -7.28 -17.77 -29.69
CA ARG E 24 -7.07 -19.11 -29.16
C ARG E 24 -5.86 -19.15 -28.24
N TYR E 25 -4.72 -18.70 -28.76
CA TYR E 25 -3.46 -18.55 -27.99
C TYR E 25 -2.79 -19.89 -27.69
N GLY E 26 -3.55 -20.85 -27.15
CA GLY E 26 -3.05 -22.18 -26.85
C GLY E 26 -2.57 -23.03 -28.01
N ASP E 27 -3.48 -23.29 -28.96
CA ASP E 27 -3.14 -23.98 -30.20
C ASP E 27 -2.07 -23.22 -30.94
N ALA E 28 -2.17 -21.89 -30.90
CA ALA E 28 -1.16 -21.04 -31.52
C ALA E 28 0.22 -21.42 -30.98
N ILE E 29 0.31 -21.47 -29.65
CA ILE E 29 1.55 -21.89 -29.01
C ILE E 29 1.96 -23.29 -29.46
N LYS E 30 1.02 -24.23 -29.52
CA LYS E 30 1.37 -25.59 -29.95
C LYS E 30 1.94 -25.61 -31.37
N LEU E 31 1.38 -24.78 -32.25
CA LEU E 31 1.80 -24.75 -33.64
C LEU E 31 3.17 -24.10 -33.78
N TYR E 32 3.35 -22.96 -33.13
CA TYR E 32 4.65 -22.31 -33.08
C TYR E 32 5.72 -23.26 -32.55
N THR E 33 5.38 -23.96 -31.48
CA THR E 33 6.27 -24.92 -30.85
C THR E 33 6.65 -26.02 -31.82
N LEU E 34 5.65 -26.46 -32.59
CA LEU E 34 5.88 -27.46 -33.61
C LEU E 34 6.91 -26.98 -34.61
N GLY E 35 6.67 -25.78 -35.14
CA GLY E 35 7.60 -25.14 -36.06
C GLY E 35 9.01 -25.09 -35.48
N LEU E 36 9.11 -24.68 -34.21
CA LEU E 36 10.39 -24.57 -33.55
C LEU E 36 11.09 -25.91 -33.47
N GLN E 37 10.32 -26.97 -33.21
CA GLN E 37 10.92 -28.28 -33.07
C GLN E 37 11.43 -28.76 -34.41
N MET E 38 10.62 -28.59 -35.45
CA MET E 38 11.05 -28.95 -36.79
C MET E 38 12.32 -28.19 -37.15
N ALA E 39 12.40 -26.95 -36.70
CA ALA E 39 13.54 -26.09 -36.95
C ALA E 39 14.80 -26.52 -36.22
N LEU E 40 14.62 -26.99 -34.99
CA LEU E 40 15.73 -27.19 -34.05
C LEU E 40 16.14 -28.64 -33.88
N THR E 41 15.58 -29.51 -34.71
CA THR E 41 15.84 -30.94 -34.57
C THR E 41 16.76 -31.38 -35.72
N ARG E 42 17.15 -30.40 -36.53
CA ARG E 42 18.19 -30.54 -37.55
C ARG E 42 19.54 -30.92 -36.91
N PRO E 43 20.31 -31.81 -37.58
CA PRO E 43 21.55 -32.41 -37.08
C PRO E 43 22.65 -31.45 -36.60
N ALA E 44 22.53 -30.17 -36.88
CA ALA E 44 23.51 -29.16 -36.46
C ALA E 44 24.84 -29.25 -37.23
N TRP E 45 24.92 -30.15 -38.21
CA TRP E 45 25.96 -30.03 -39.23
C TRP E 45 25.41 -29.12 -40.31
N GLU E 46 24.09 -29.08 -40.43
CA GLU E 46 23.41 -28.22 -41.37
C GLU E 46 23.78 -26.77 -41.18
N PRO E 47 23.81 -26.01 -42.29
CA PRO E 47 23.81 -24.55 -42.17
C PRO E 47 22.55 -24.10 -41.44
N ALA E 48 22.71 -23.28 -40.41
CA ALA E 48 21.58 -22.80 -39.63
C ALA E 48 21.22 -21.38 -40.03
N GLY E 49 21.24 -21.09 -41.32
CA GLY E 49 21.06 -19.73 -41.78
C GLY E 49 19.63 -19.42 -42.13
N LEU E 50 19.04 -20.30 -42.95
CA LEU E 50 17.63 -20.21 -43.27
C LEU E 50 16.73 -20.25 -42.04
N VAL E 51 17.07 -21.14 -41.12
CA VAL E 51 16.21 -21.46 -40.02
C VAL E 51 16.11 -20.31 -39.03
N ARG E 52 17.11 -19.43 -39.04
CA ARG E 52 17.28 -18.46 -37.97
C ARG E 52 16.26 -17.30 -38.01
N ASP E 53 15.94 -16.82 -39.21
CA ASP E 53 14.94 -15.77 -39.34
C ASP E 53 13.58 -16.29 -38.89
N GLU E 54 13.19 -17.41 -39.47
CA GLU E 54 11.96 -18.07 -39.09
C GLU E 54 11.87 -18.32 -37.60
N ILE E 55 13.02 -18.67 -37.03
CA ILE E 55 13.10 -19.04 -35.64
C ILE E 55 12.84 -17.78 -34.82
N HIS E 56 13.44 -16.65 -35.22
CA HIS E 56 13.24 -15.42 -34.47
C HIS E 56 11.77 -15.05 -34.50
N GLN E 57 11.15 -15.23 -35.67
CA GLN E 57 9.73 -14.90 -35.82
C GLN E 57 8.84 -15.79 -34.95
N LEU E 58 9.13 -17.09 -34.98
CA LEU E 58 8.40 -18.08 -34.19
C LEU E 58 8.48 -17.80 -32.69
N TYR E 59 9.70 -17.63 -32.19
CA TYR E 59 9.89 -17.31 -30.78
C TYR E 59 9.15 -16.02 -30.40
N SER E 60 9.27 -15.00 -31.24
CA SER E 60 8.59 -13.72 -30.99
C SER E 60 7.07 -13.88 -30.90
N ASN E 61 6.47 -14.35 -31.99
CA ASN E 61 5.04 -14.65 -32.03
C ASN E 61 4.57 -15.48 -30.84
N ARG E 62 5.25 -16.60 -30.58
CA ARG E 62 4.88 -17.46 -29.48
C ARG E 62 4.94 -16.71 -28.17
N ALA E 63 5.96 -15.89 -28.00
CA ALA E 63 6.04 -15.04 -26.82
C ALA E 63 4.78 -14.18 -26.70
N GLN E 64 4.29 -13.65 -27.82
CA GLN E 64 3.04 -12.89 -27.75
C GLN E 64 1.85 -13.75 -27.28
N ALA E 65 1.74 -14.95 -27.84
CA ALA E 65 0.66 -15.83 -27.44
C ALA E 65 0.73 -16.15 -25.94
N TYR E 66 1.94 -16.39 -25.44
CA TYR E 66 2.16 -16.61 -24.02
C TYR E 66 1.77 -15.39 -23.20
N MET E 67 1.95 -14.21 -23.77
CA MET E 67 1.63 -12.98 -23.06
C MET E 67 0.12 -12.79 -22.93
N GLN E 68 -0.62 -13.00 -24.02
CA GLN E 68 -2.08 -13.00 -23.94
C GLN E 68 -2.58 -13.99 -22.89
N LEU E 69 -1.81 -15.06 -22.65
CA LEU E 69 -2.14 -16.02 -21.60
C LEU E 69 -1.83 -15.47 -20.22
N GLY E 70 -0.95 -14.47 -20.16
CA GLY E 70 -0.51 -13.91 -18.90
C GLY E 70 0.64 -14.70 -18.32
N GLN E 71 1.25 -15.53 -19.15
CA GLN E 71 2.42 -16.29 -18.74
C GLN E 71 3.69 -15.52 -19.06
N TRP E 72 4.16 -14.73 -18.11
CA TRP E 72 5.27 -13.81 -18.37
C TRP E 72 6.68 -14.42 -18.40
N PRO E 73 7.00 -15.36 -17.48
CA PRO E 73 8.37 -15.90 -17.52
C PRO E 73 8.74 -16.55 -18.86
N GLU E 74 7.92 -17.51 -19.30
CA GLU E 74 8.16 -18.22 -20.54
C GLU E 74 8.16 -17.26 -21.72
N ALA E 75 7.19 -16.35 -21.75
CA ALA E 75 7.12 -15.36 -22.82
C ALA E 75 8.39 -14.51 -22.87
N ALA E 76 8.95 -14.23 -21.71
CA ALA E 76 10.17 -13.44 -21.63
C ALA E 76 11.33 -14.23 -22.21
N ALA E 77 11.36 -15.52 -21.90
CA ALA E 77 12.40 -16.40 -22.42
C ALA E 77 12.35 -16.48 -23.96
N ASP E 78 11.15 -16.70 -24.49
CA ASP E 78 10.93 -16.75 -25.94
C ASP E 78 11.31 -15.44 -26.63
N ALA E 79 10.85 -14.33 -26.05
CA ALA E 79 11.19 -13.01 -26.58
C ALA E 79 12.70 -12.84 -26.67
N GLU E 80 13.37 -13.23 -25.59
CA GLU E 80 14.83 -13.16 -25.54
C GLU E 80 15.47 -14.01 -26.64
N CYS E 81 14.96 -15.22 -26.85
CA CYS E 81 15.49 -16.05 -27.92
C CYS E 81 15.30 -15.37 -29.28
N SER E 82 14.13 -14.79 -29.51
CA SER E 82 13.87 -14.04 -30.73
C SER E 82 14.90 -12.93 -30.93
N VAL E 83 15.27 -12.26 -29.85
CA VAL E 83 16.30 -11.22 -29.94
C VAL E 83 17.67 -11.81 -30.28
N GLU E 84 18.03 -12.90 -29.61
CA GLU E 84 19.33 -13.52 -29.83
C GLU E 84 19.46 -14.05 -31.25
N ALA E 85 18.33 -14.32 -31.89
CA ALA E 85 18.34 -14.78 -33.28
C ALA E 85 18.34 -13.60 -34.25
N LYS E 86 17.87 -12.46 -33.79
CA LYS E 86 17.74 -11.30 -34.67
C LYS E 86 17.63 -9.99 -33.88
N ARG E 87 18.63 -9.13 -33.99
CA ARG E 87 18.68 -7.90 -33.21
C ARG E 87 18.06 -6.69 -33.95
N GLN E 88 18.27 -6.62 -35.26
CA GLN E 88 17.75 -5.51 -36.05
C GLN E 88 16.31 -5.72 -36.50
N GLY E 89 15.47 -4.73 -36.25
CA GLY E 89 14.11 -4.74 -36.78
C GLY E 89 13.20 -5.75 -36.12
N ASN E 90 13.59 -6.24 -34.95
CA ASN E 90 12.73 -7.09 -34.15
C ASN E 90 12.36 -6.33 -32.90
N ALA E 91 11.92 -5.09 -33.10
CA ALA E 91 11.53 -4.20 -32.00
C ALA E 91 10.39 -4.82 -31.18
N LYS E 92 9.51 -5.57 -31.84
CA LYS E 92 8.45 -6.29 -31.13
C LYS E 92 9.01 -7.24 -30.08
N ALA E 93 10.06 -7.97 -30.42
CA ALA E 93 10.71 -8.88 -29.47
C ALA E 93 11.26 -8.15 -28.24
N TRP E 94 12.04 -7.10 -28.47
CA TRP E 94 12.55 -6.24 -27.40
C TRP E 94 11.42 -5.74 -26.50
N TYR E 95 10.40 -5.17 -27.14
CA TYR E 95 9.23 -4.69 -26.44
C TYR E 95 8.64 -5.77 -25.55
N ARG E 96 8.34 -6.91 -26.15
CA ARG E 96 7.71 -8.03 -25.47
C ARG E 96 8.47 -8.46 -24.25
N ARG E 97 9.79 -8.60 -24.38
CA ARG E 97 10.56 -9.01 -23.21
C ARG E 97 10.56 -7.91 -22.15
N GLY E 98 10.63 -6.66 -22.59
CA GLY E 98 10.59 -5.54 -21.66
C GLY E 98 9.32 -5.55 -20.82
N LYS E 99 8.18 -5.65 -21.49
CA LYS E 99 6.90 -5.69 -20.80
C LYS E 99 6.79 -6.92 -19.91
N CYS E 100 7.36 -8.03 -20.37
CA CYS E 100 7.36 -9.26 -19.60
C CYS E 100 8.12 -9.06 -18.28
N LEU E 101 9.29 -8.42 -18.37
CA LEU E 101 10.07 -8.14 -17.17
C LEU E 101 9.35 -7.14 -16.29
N MET E 102 8.57 -6.25 -16.90
CA MET E 102 7.81 -5.26 -16.15
C MET E 102 6.70 -5.92 -15.34
N GLU E 103 6.02 -6.89 -15.95
CA GLU E 103 4.93 -7.59 -15.29
C GLU E 103 5.46 -8.50 -14.18
N MET E 104 6.72 -8.89 -14.30
CA MET E 104 7.36 -9.75 -13.30
C MET E 104 8.03 -8.91 -12.22
N ARG E 105 7.71 -7.62 -12.22
CA ARG E 105 8.23 -6.65 -11.25
C ARG E 105 9.76 -6.60 -11.27
N ARG E 106 10.35 -6.82 -12.44
CA ARG E 106 11.79 -6.71 -12.61
C ARG E 106 12.10 -5.48 -13.47
N LEU E 107 12.11 -4.31 -12.84
CA LEU E 107 12.15 -3.04 -13.56
C LEU E 107 13.56 -2.58 -13.94
N GLN E 108 14.56 -2.88 -13.11
CA GLN E 108 15.93 -2.47 -13.39
C GLN E 108 16.45 -3.23 -14.62
N GLU E 109 16.28 -4.54 -14.57
CA GLU E 109 16.56 -5.43 -15.70
C GLU E 109 15.84 -4.99 -16.96
N ALA E 110 14.53 -4.76 -16.85
CA ALA E 110 13.73 -4.26 -17.95
C ALA E 110 14.29 -2.95 -18.50
N ARG E 111 14.77 -2.12 -17.58
CA ARG E 111 15.36 -0.83 -17.93
C ARG E 111 16.56 -1.02 -18.85
N GLU E 112 17.57 -1.73 -18.37
CA GLU E 112 18.75 -1.96 -19.19
C GLU E 112 18.40 -2.64 -20.52
N TRP E 113 17.52 -3.62 -20.43
CA TRP E 113 17.06 -4.35 -21.61
C TRP E 113 16.50 -3.41 -22.69
N VAL E 114 15.49 -2.63 -22.32
CA VAL E 114 14.83 -1.71 -23.25
C VAL E 114 15.80 -0.64 -23.73
N ALA E 115 16.72 -0.24 -22.87
CA ALA E 115 17.74 0.73 -23.27
C ALA E 115 18.58 0.18 -24.43
N ARG E 116 19.04 -1.06 -24.30
CA ARG E 116 19.83 -1.70 -25.35
C ARG E 116 19.00 -1.86 -26.65
N GLY E 117 17.77 -2.36 -26.49
CA GLY E 117 16.89 -2.50 -27.64
C GLY E 117 16.65 -1.19 -28.36
N LEU E 118 16.65 -0.11 -27.59
CA LEU E 118 16.53 1.23 -28.14
C LEU E 118 17.77 1.63 -28.90
N GLU E 119 18.92 1.18 -28.41
CA GLU E 119 20.16 1.37 -29.16
C GLU E 119 20.04 0.78 -30.56
N PHE E 120 19.59 -0.47 -30.64
CA PHE E 120 19.43 -1.08 -31.96
C PHE E 120 18.33 -0.39 -32.77
N GLU E 121 17.25 0.02 -32.08
CA GLU E 121 16.11 0.73 -32.66
C GLU E 121 15.35 -0.09 -33.70
N GLU E 124 9.56 1.97 -33.09
CA GLU E 124 10.19 2.10 -31.79
C GLU E 124 9.39 3.02 -30.87
N LYS E 125 8.31 3.57 -31.40
CA LYS E 125 7.40 4.41 -30.62
C LYS E 125 6.90 3.66 -29.39
N GLU E 126 6.41 2.44 -29.59
CA GLU E 126 6.00 1.58 -28.49
C GLU E 126 7.13 1.35 -27.50
N LEU E 127 8.35 1.25 -28.00
CA LEU E 127 9.53 1.13 -27.15
C LEU E 127 9.73 2.39 -26.33
N ALA E 128 9.65 3.55 -26.98
CA ALA E 128 9.77 4.84 -26.29
C ALA E 128 8.79 4.93 -25.13
N GLU E 129 7.49 4.78 -25.43
CA GLU E 129 6.44 4.84 -24.42
C GLU E 129 6.67 3.83 -23.31
N LEU E 130 7.04 2.61 -23.71
CA LEU E 130 7.30 1.53 -22.77
C LEU E 130 8.37 1.91 -21.77
N LEU E 131 9.46 2.48 -22.30
CA LEU E 131 10.57 2.92 -21.47
C LEU E 131 10.12 4.00 -20.51
N LYS E 132 9.35 4.95 -21.03
CA LYS E 132 8.80 6.02 -20.19
C LYS E 132 8.00 5.42 -19.03
N GLU E 133 7.22 4.40 -19.34
CA GLU E 133 6.41 3.70 -18.34
C GLU E 133 7.29 2.97 -17.33
N ILE E 134 8.42 2.44 -17.80
CA ILE E 134 9.34 1.72 -16.92
C ILE E 134 10.03 2.68 -15.95
N ASP E 135 10.51 3.81 -16.48
CA ASP E 135 11.17 4.83 -15.67
C ASP E 135 10.21 5.42 -14.65
N SER E 136 9.03 5.79 -15.13
CA SER E 136 7.98 6.31 -14.27
C SER E 136 7.69 5.32 -13.16
N LYS E 137 7.51 4.07 -13.54
CA LYS E 137 7.31 2.97 -12.59
C LYS E 137 8.45 2.90 -11.58
N LEU E 138 9.67 3.10 -12.06
CA LEU E 138 10.85 3.03 -11.21
C LEU E 138 10.72 4.07 -10.13
N ALA E 139 10.70 5.33 -10.57
CA ALA E 139 10.62 6.50 -9.69
C ALA E 139 9.80 6.24 -8.43
N ALA E 140 8.55 5.80 -8.60
CA ALA E 140 7.64 5.59 -7.46
C ALA E 140 8.24 4.81 -6.28
N GLU E 141 8.76 3.61 -6.54
CA GLU E 141 9.27 2.70 -5.48
C GLU E 141 10.52 3.19 -4.73
N LYS E 142 11.54 3.63 -5.46
CA LYS E 142 12.69 4.19 -4.76
C LYS E 142 12.25 5.46 -4.09
N ALA E 143 11.34 6.22 -4.69
CA ALA E 143 10.82 7.39 -4.03
C ALA E 143 9.91 6.99 -2.87
N SER E 144 9.69 5.70 -2.69
CA SER E 144 8.99 5.21 -1.51
C SER E 144 9.99 5.01 -0.38
N ARG E 145 11.14 4.44 -0.75
CA ARG E 145 12.28 4.31 0.18
C ARG E 145 12.93 5.67 0.54
N ASP E 146 13.28 6.42 -0.50
CA ASP E 146 13.71 7.82 -0.43
C ASP E 146 12.67 8.71 0.28
N ALA E 147 11.37 8.51 0.03
CA ALA E 147 10.43 9.31 0.85
C ALA E 147 10.33 8.75 2.30
N HIS E 148 10.56 7.46 2.48
CA HIS E 148 10.41 6.78 3.78
C HIS E 148 11.10 7.57 4.86
N PRO E 153 15.92 20.74 0.49
CA PRO E 153 16.70 20.97 1.72
C PRO E 153 18.21 20.85 1.50
N THR E 154 18.71 19.62 1.49
CA THR E 154 20.15 19.34 1.49
C THR E 154 20.98 20.14 0.49
N VAL E 155 20.49 20.31 -0.75
CA VAL E 155 21.24 21.11 -1.71
C VAL E 155 21.24 22.59 -1.32
N GLU E 156 20.19 23.04 -0.63
CA GLU E 156 20.12 24.44 -0.22
C GLU E 156 21.04 24.73 0.96
N GLU E 157 21.28 23.71 1.78
CA GLU E 157 22.10 23.87 2.97
C GLU E 157 23.54 24.18 2.64
N VAL E 158 24.18 24.92 3.53
CA VAL E 158 25.57 25.29 3.37
C VAL E 158 26.35 24.60 4.48
N ASP E 159 27.60 24.25 4.21
CA ASP E 159 28.36 23.42 5.15
C ASP E 159 29.68 24.05 5.60
N SER F 6 -31.90 -37.71 -15.78
CA SER F 6 -31.94 -36.29 -16.09
C SER F 6 -31.81 -36.03 -17.58
N ALA F 7 -31.05 -36.88 -18.29
CA ALA F 7 -30.94 -36.80 -19.74
C ALA F 7 -32.33 -36.91 -20.37
N ASN F 8 -33.16 -37.78 -19.79
CA ASN F 8 -34.57 -37.87 -20.17
C ASN F 8 -35.33 -36.58 -19.89
N ILE F 9 -35.02 -35.89 -18.79
CA ILE F 9 -35.71 -34.64 -18.49
C ILE F 9 -35.27 -33.60 -19.52
N ASN F 10 -34.00 -33.67 -19.93
CA ASN F 10 -33.54 -32.87 -21.06
C ASN F 10 -34.37 -33.18 -22.30
N LYS F 11 -34.70 -34.46 -22.51
CA LYS F 11 -35.57 -34.84 -23.63
C LYS F 11 -36.96 -34.20 -23.53
N LEU F 12 -37.59 -34.32 -22.37
CA LEU F 12 -38.89 -33.68 -22.15
C LEU F 12 -38.82 -32.18 -22.48
N ARG F 13 -37.81 -31.50 -21.96
CA ARG F 13 -37.66 -30.08 -22.25
C ARG F 13 -37.46 -29.80 -23.74
N GLU F 14 -36.65 -30.62 -24.40
CA GLU F 14 -36.40 -30.44 -25.82
C GLU F 14 -37.68 -30.63 -26.65
N SER F 15 -38.51 -31.61 -26.28
CA SER F 15 -39.72 -31.86 -27.03
C SER F 15 -40.70 -30.72 -26.79
N GLY F 16 -40.71 -30.25 -25.54
CA GLY F 16 -41.46 -29.05 -25.20
C GLY F 16 -41.05 -27.89 -26.08
N ASN F 17 -39.74 -27.74 -26.30
CA ASN F 17 -39.24 -26.68 -27.15
C ASN F 17 -39.63 -26.88 -28.60
N ALA F 18 -39.63 -28.12 -29.05
CA ALA F 18 -40.06 -28.42 -30.41
C ALA F 18 -41.51 -27.97 -30.59
N GLU F 19 -42.34 -28.19 -29.57
CA GLU F 19 -43.72 -27.76 -29.64
C GLU F 19 -43.88 -26.25 -29.49
N TYR F 20 -42.97 -25.61 -28.76
CA TYR F 20 -43.03 -24.17 -28.62
C TYR F 20 -42.68 -23.51 -29.95
N ARG F 21 -41.58 -23.98 -30.55
CA ARG F 21 -41.06 -23.36 -31.74
C ARG F 21 -42.08 -23.40 -32.87
N LYS F 22 -42.92 -24.44 -32.88
CA LYS F 22 -43.98 -24.52 -33.88
C LYS F 22 -45.27 -23.86 -33.40
N GLN F 23 -45.13 -22.95 -32.43
CA GLN F 23 -46.24 -22.14 -31.93
C GLN F 23 -47.42 -22.93 -31.35
N ARG F 24 -47.17 -24.19 -30.99
CA ARG F 24 -48.16 -25.00 -30.29
C ARG F 24 -47.89 -24.93 -28.78
N TYR F 25 -48.32 -23.83 -28.17
CA TYR F 25 -47.89 -23.47 -26.82
C TYR F 25 -48.48 -24.35 -25.73
N GLY F 26 -49.77 -24.65 -25.83
CA GLY F 26 -50.41 -25.55 -24.86
C GLY F 26 -49.67 -26.87 -24.67
N ASP F 27 -49.38 -27.54 -25.78
CA ASP F 27 -48.61 -28.78 -25.76
C ASP F 27 -47.22 -28.56 -25.17
N ALA F 28 -46.61 -27.43 -25.51
CA ALA F 28 -45.31 -27.09 -24.96
C ALA F 28 -45.38 -27.09 -23.44
N ILE F 29 -46.42 -26.44 -22.90
CA ILE F 29 -46.62 -26.37 -21.47
C ILE F 29 -46.90 -27.74 -20.83
N LYS F 30 -47.69 -28.57 -21.50
CA LYS F 30 -47.89 -29.94 -21.04
C LYS F 30 -46.55 -30.65 -20.87
N LEU F 31 -45.71 -30.57 -21.91
CA LEU F 31 -44.41 -31.23 -21.87
C LEU F 31 -43.49 -30.65 -20.79
N TYR F 32 -43.45 -29.33 -20.69
CA TYR F 32 -42.63 -28.69 -19.67
C TYR F 32 -43.07 -29.13 -18.29
N THR F 33 -44.39 -29.15 -18.08
CA THR F 33 -44.96 -29.49 -16.79
C THR F 33 -44.57 -30.90 -16.42
N LEU F 34 -44.69 -31.80 -17.40
CA LEU F 34 -44.30 -33.19 -17.23
C LEU F 34 -42.83 -33.29 -16.82
N GLY F 35 -41.98 -32.52 -17.51
CA GLY F 35 -40.59 -32.42 -17.12
C GLY F 35 -40.43 -32.02 -15.67
N LEU F 36 -41.12 -30.96 -15.26
CA LEU F 36 -41.01 -30.44 -13.91
C LEU F 36 -41.46 -31.48 -12.89
N GLN F 37 -42.51 -32.21 -13.23
CA GLN F 37 -43.07 -33.22 -12.35
C GLN F 37 -42.09 -34.37 -12.18
N MET F 38 -41.49 -34.79 -13.28
CA MET F 38 -40.49 -35.85 -13.22
C MET F 38 -39.29 -35.39 -12.40
N ALA F 39 -39.03 -34.09 -12.43
CA ALA F 39 -37.88 -33.55 -11.71
C ALA F 39 -38.15 -33.45 -10.21
N LEU F 40 -39.40 -33.12 -9.85
CA LEU F 40 -39.73 -32.79 -8.47
C LEU F 40 -40.25 -33.96 -7.66
N THR F 41 -40.44 -35.11 -8.31
CA THR F 41 -41.01 -36.27 -7.63
C THR F 41 -39.97 -37.25 -7.13
N ARG F 42 -38.69 -36.91 -7.25
CA ARG F 42 -37.65 -37.79 -6.73
C ARG F 42 -37.36 -37.44 -5.27
N PRO F 43 -36.97 -38.44 -4.46
CA PRO F 43 -36.78 -38.30 -3.01
C PRO F 43 -35.82 -37.19 -2.59
N ALA F 44 -35.85 -36.86 -1.30
CA ALA F 44 -35.10 -35.73 -0.77
C ALA F 44 -33.62 -36.02 -0.51
N TRP F 45 -33.24 -37.29 -0.43
CA TRP F 45 -31.84 -37.62 -0.19
C TRP F 45 -31.02 -37.69 -1.48
N GLU F 46 -31.71 -37.78 -2.62
CA GLU F 46 -31.03 -37.64 -3.91
C GLU F 46 -30.70 -36.16 -4.11
N PRO F 47 -29.52 -35.86 -4.67
CA PRO F 47 -29.05 -34.47 -4.83
C PRO F 47 -29.95 -33.64 -5.73
N ALA F 48 -30.41 -32.50 -5.24
CA ALA F 48 -31.28 -31.64 -6.02
C ALA F 48 -30.50 -30.95 -7.15
N GLY F 49 -29.21 -30.74 -6.92
CA GLY F 49 -28.36 -30.04 -7.88
C GLY F 49 -28.32 -30.72 -9.24
N LEU F 50 -28.42 -32.04 -9.23
CA LEU F 50 -28.40 -32.83 -10.46
C LEU F 50 -29.44 -32.36 -11.46
N VAL F 51 -30.52 -31.78 -10.95
CA VAL F 51 -31.68 -31.46 -11.76
C VAL F 51 -32.02 -29.96 -11.70
N ARG F 52 -31.36 -29.22 -10.83
CA ARG F 52 -31.69 -27.79 -10.62
C ARG F 52 -31.59 -26.98 -11.88
N ASP F 53 -30.47 -27.13 -12.57
CA ASP F 53 -30.28 -26.48 -13.86
C ASP F 53 -31.51 -26.68 -14.71
N GLU F 54 -31.88 -27.94 -14.84
CA GLU F 54 -32.96 -28.31 -15.74
C GLU F 54 -34.29 -27.72 -15.29
N ILE F 55 -34.54 -27.67 -13.99
CA ILE F 55 -35.81 -27.08 -13.58
C ILE F 55 -35.78 -25.59 -13.88
N HIS F 56 -34.61 -24.97 -13.77
CA HIS F 56 -34.54 -23.53 -14.03
C HIS F 56 -34.92 -23.31 -15.50
N GLN F 57 -34.37 -24.14 -16.38
CA GLN F 57 -34.74 -24.08 -17.80
C GLN F 57 -36.24 -24.32 -18.03
N LEU F 58 -36.78 -25.37 -17.43
CA LEU F 58 -38.17 -25.75 -17.61
C LEU F 58 -39.11 -24.64 -17.20
N TYR F 59 -38.88 -24.11 -16.01
CA TYR F 59 -39.68 -23.02 -15.49
C TYR F 59 -39.60 -21.82 -16.41
N SER F 60 -38.40 -21.48 -16.88
CA SER F 60 -38.23 -20.31 -17.76
C SER F 60 -38.98 -20.45 -19.08
N ASN F 61 -38.71 -21.55 -19.77
CA ASN F 61 -39.40 -21.86 -21.01
C ASN F 61 -40.91 -21.88 -20.84
N ARG F 62 -41.39 -22.56 -19.81
CA ARG F 62 -42.82 -22.58 -19.58
C ARG F 62 -43.37 -21.18 -19.37
N ALA F 63 -42.62 -20.36 -18.64
CA ALA F 63 -43.00 -18.97 -18.50
C ALA F 63 -43.19 -18.35 -19.88
N GLN F 64 -42.23 -18.55 -20.78
CA GLN F 64 -42.35 -17.98 -22.13
C GLN F 64 -43.60 -18.49 -22.88
N ALA F 65 -43.89 -19.77 -22.72
CA ALA F 65 -45.05 -20.35 -23.36
C ALA F 65 -46.35 -19.74 -22.80
N TYR F 66 -46.37 -19.53 -21.49
CA TYR F 66 -47.51 -18.92 -20.85
C TYR F 66 -47.69 -17.48 -21.34
N MET F 67 -46.60 -16.74 -21.44
CA MET F 67 -46.65 -15.39 -21.99
C MET F 67 -47.19 -15.36 -23.42
N GLN F 68 -46.88 -16.37 -24.21
CA GLN F 68 -47.44 -16.42 -25.56
C GLN F 68 -48.97 -16.52 -25.53
N LEU F 69 -49.53 -17.07 -24.46
CA LEU F 69 -50.98 -17.18 -24.34
C LEU F 69 -51.58 -16.01 -23.56
N GLY F 70 -50.73 -15.06 -23.17
CA GLY F 70 -51.18 -13.87 -22.48
C GLY F 70 -51.53 -14.11 -21.03
N GLN F 71 -51.18 -15.29 -20.53
CA GLN F 71 -51.46 -15.66 -19.16
C GLN F 71 -50.32 -15.23 -18.24
N TRP F 72 -50.32 -13.95 -17.88
CA TRP F 72 -49.17 -13.34 -17.20
C TRP F 72 -48.85 -13.86 -15.80
N PRO F 73 -49.84 -14.00 -14.90
CA PRO F 73 -49.48 -14.38 -13.53
C PRO F 73 -48.76 -15.72 -13.42
N GLU F 74 -49.23 -16.71 -14.18
CA GLU F 74 -48.59 -18.02 -14.22
C GLU F 74 -47.14 -17.88 -14.65
N ALA F 75 -46.92 -17.08 -15.69
CA ALA F 75 -45.58 -16.89 -16.22
C ALA F 75 -44.67 -16.15 -15.24
N ALA F 76 -45.25 -15.25 -14.46
CA ALA F 76 -44.49 -14.52 -13.45
C ALA F 76 -44.08 -15.45 -12.33
N ALA F 77 -45.01 -16.32 -11.95
CA ALA F 77 -44.74 -17.35 -10.95
C ALA F 77 -43.61 -18.27 -11.39
N ASP F 78 -43.73 -18.80 -12.60
CA ASP F 78 -42.74 -19.71 -13.15
C ASP F 78 -41.38 -19.04 -13.28
N ALA F 79 -41.34 -17.83 -13.85
CA ALA F 79 -40.07 -17.12 -14.01
C ALA F 79 -39.42 -16.86 -12.65
N GLU F 80 -40.26 -16.57 -11.65
CA GLU F 80 -39.78 -16.42 -10.28
C GLU F 80 -39.11 -17.70 -9.81
N CYS F 81 -39.81 -18.83 -9.94
CA CYS F 81 -39.24 -20.12 -9.57
C CYS F 81 -37.91 -20.40 -10.31
N SER F 82 -37.86 -20.02 -11.58
CA SER F 82 -36.67 -20.18 -12.39
C SER F 82 -35.51 -19.40 -11.79
N VAL F 83 -35.80 -18.20 -11.30
CA VAL F 83 -34.76 -17.41 -10.64
C VAL F 83 -34.37 -18.05 -9.31
N GLU F 84 -35.35 -18.62 -8.60
CA GLU F 84 -35.07 -19.34 -7.35
C GLU F 84 -34.10 -20.50 -7.56
N ALA F 85 -34.23 -21.18 -8.70
CA ALA F 85 -33.33 -22.28 -9.00
C ALA F 85 -31.99 -21.77 -9.49
N LYS F 86 -31.99 -20.61 -10.14
CA LYS F 86 -30.77 -20.02 -10.69
C LYS F 86 -30.86 -18.49 -10.79
N ARG F 87 -30.18 -17.79 -9.88
CA ARG F 87 -30.15 -16.32 -9.86
C ARG F 87 -29.34 -15.69 -10.99
N GLN F 88 -28.07 -16.09 -11.09
CA GLN F 88 -27.17 -15.51 -12.08
C GLN F 88 -27.02 -16.42 -13.29
N GLY F 89 -26.89 -15.82 -14.47
CA GLY F 89 -26.80 -16.58 -15.69
C GLY F 89 -28.16 -17.03 -16.16
N ASN F 90 -29.18 -16.27 -15.76
CA ASN F 90 -30.56 -16.60 -16.09
C ASN F 90 -31.34 -15.35 -16.50
N ALA F 91 -30.77 -14.59 -17.43
CA ALA F 91 -31.31 -13.27 -17.77
C ALA F 91 -32.74 -13.33 -18.30
N LYS F 92 -33.05 -14.39 -19.05
CA LYS F 92 -34.37 -14.54 -19.66
C LYS F 92 -35.49 -14.67 -18.62
N ALA F 93 -35.19 -15.30 -17.49
CA ALA F 93 -36.20 -15.46 -16.45
C ALA F 93 -36.50 -14.11 -15.80
N TRP F 94 -35.43 -13.37 -15.50
CA TRP F 94 -35.54 -12.01 -15.00
C TRP F 94 -36.38 -11.16 -15.94
N TYR F 95 -36.01 -11.15 -17.21
CA TYR F 95 -36.78 -10.42 -18.21
C TYR F 95 -38.25 -10.81 -18.17
N ARG F 96 -38.51 -12.11 -18.27
CA ARG F 96 -39.88 -12.59 -18.36
C ARG F 96 -40.73 -12.17 -17.16
N ARG F 97 -40.22 -12.39 -15.95
CA ARG F 97 -40.99 -11.97 -14.78
C ARG F 97 -41.20 -10.47 -14.81
N GLY F 98 -40.14 -9.74 -15.16
CA GLY F 98 -40.22 -8.30 -15.34
C GLY F 98 -41.40 -7.87 -16.21
N LYS F 99 -41.36 -8.26 -17.47
CA LYS F 99 -42.42 -7.91 -18.40
C LYS F 99 -43.78 -8.39 -17.95
N CYS F 100 -43.82 -9.53 -17.26
CA CYS F 100 -45.08 -10.05 -16.77
C CYS F 100 -45.69 -9.13 -15.72
N LEU F 101 -44.85 -8.62 -14.81
CA LEU F 101 -45.28 -7.64 -13.81
C LEU F 101 -45.71 -6.35 -14.50
N MET F 102 -44.97 -5.97 -15.53
CA MET F 102 -45.32 -4.80 -16.32
C MET F 102 -46.70 -4.93 -16.99
N GLU F 103 -47.00 -6.12 -17.48
CA GLU F 103 -48.26 -6.36 -18.19
C GLU F 103 -49.44 -6.37 -17.21
N MET F 104 -49.14 -6.62 -15.94
CA MET F 104 -50.20 -6.74 -14.94
C MET F 104 -50.47 -5.42 -14.25
N ARG F 105 -50.02 -4.33 -14.87
CA ARG F 105 -50.14 -2.98 -14.33
C ARG F 105 -49.52 -2.90 -12.94
N ARG F 106 -48.46 -3.67 -12.74
CA ARG F 106 -47.76 -3.72 -11.47
C ARG F 106 -46.34 -3.22 -11.70
N LEU F 107 -46.24 -1.95 -12.05
CA LEU F 107 -45.06 -1.40 -12.71
C LEU F 107 -43.82 -1.23 -11.83
N GLN F 108 -44.00 -0.73 -10.62
CA GLN F 108 -42.87 -0.41 -9.76
C GLN F 108 -42.14 -1.68 -9.32
N GLU F 109 -42.93 -2.74 -9.10
CA GLU F 109 -42.34 -4.03 -8.76
C GLU F 109 -41.52 -4.55 -9.91
N ALA F 110 -41.97 -4.24 -11.13
CA ALA F 110 -41.23 -4.63 -12.31
C ALA F 110 -39.89 -3.89 -12.35
N ARG F 111 -39.94 -2.59 -12.10
CA ARG F 111 -38.73 -1.75 -12.05
C ARG F 111 -37.71 -2.33 -11.06
N GLU F 112 -38.19 -2.62 -9.85
CA GLU F 112 -37.37 -3.22 -8.80
C GLU F 112 -36.74 -4.54 -9.25
N TRP F 113 -37.61 -5.46 -9.67
CA TRP F 113 -37.19 -6.78 -10.11
C TRP F 113 -36.11 -6.72 -11.17
N VAL F 114 -36.35 -5.94 -12.23
CA VAL F 114 -35.40 -5.82 -13.33
C VAL F 114 -34.07 -5.22 -12.87
N ALA F 115 -34.14 -4.23 -11.98
CA ALA F 115 -32.91 -3.66 -11.42
C ALA F 115 -32.05 -4.71 -10.71
N ARG F 116 -32.66 -5.39 -9.74
CA ARG F 116 -31.97 -6.47 -9.04
C ARG F 116 -31.42 -7.46 -10.07
N GLY F 117 -32.22 -7.73 -11.10
CA GLY F 117 -31.79 -8.57 -12.19
C GLY F 117 -30.48 -8.11 -12.80
N LEU F 118 -30.36 -6.80 -12.99
CA LEU F 118 -29.17 -6.24 -13.62
C LEU F 118 -27.94 -6.25 -12.72
N GLU F 119 -28.16 -6.27 -11.40
CA GLU F 119 -27.01 -6.44 -10.51
C GLU F 119 -26.33 -7.78 -10.81
N PHE F 120 -27.11 -8.85 -10.88
CA PHE F 120 -26.56 -10.08 -11.41
C PHE F 120 -26.20 -9.82 -12.88
N GLU F 121 -25.01 -10.24 -13.27
CA GLU F 121 -24.27 -9.71 -14.43
C GLU F 121 -25.05 -9.37 -15.71
N GLU F 123 -24.96 -5.97 -18.68
CA GLU F 123 -24.69 -6.14 -20.13
C GLU F 123 -25.90 -6.60 -20.91
N GLU F 124 -26.95 -7.05 -20.23
CA GLU F 124 -28.05 -7.56 -21.01
C GLU F 124 -28.88 -6.41 -21.57
N LYS F 125 -28.54 -6.02 -22.80
CA LYS F 125 -29.18 -4.86 -23.42
C LYS F 125 -30.68 -5.03 -23.39
N GLU F 126 -31.15 -6.25 -23.53
CA GLU F 126 -32.58 -6.53 -23.50
C GLU F 126 -33.17 -6.24 -22.11
N LEU F 127 -32.47 -6.65 -21.06
CA LEU F 127 -32.87 -6.31 -19.69
C LEU F 127 -32.89 -4.80 -19.47
N ALA F 128 -31.80 -4.13 -19.88
CA ALA F 128 -31.69 -2.68 -19.78
C ALA F 128 -32.79 -1.94 -20.53
N GLU F 129 -33.08 -2.39 -21.74
CA GLU F 129 -34.15 -1.86 -22.58
C GLU F 129 -35.49 -2.01 -21.86
N LEU F 130 -35.70 -3.18 -21.29
CA LEU F 130 -36.88 -3.41 -20.47
C LEU F 130 -36.94 -2.36 -19.35
N LEU F 131 -35.81 -2.13 -18.69
CA LEU F 131 -35.72 -1.13 -17.64
C LEU F 131 -36.17 0.25 -18.14
N LYS F 132 -35.59 0.69 -19.26
CA LYS F 132 -35.97 1.97 -19.87
C LYS F 132 -37.47 2.04 -20.13
N GLU F 133 -38.01 0.99 -20.74
CA GLU F 133 -39.44 0.92 -21.01
C GLU F 133 -40.25 1.12 -19.73
N ILE F 134 -39.80 0.50 -18.65
CA ILE F 134 -40.54 0.52 -17.39
C ILE F 134 -40.48 1.90 -16.71
N ASP F 135 -39.30 2.45 -16.46
CA ASP F 135 -39.23 3.74 -15.79
C ASP F 135 -39.71 4.89 -16.70
N SER F 136 -39.72 4.64 -18.01
CA SER F 136 -40.35 5.56 -18.94
C SER F 136 -41.86 5.54 -18.78
N LYS F 137 -42.43 4.35 -18.64
CA LYS F 137 -43.87 4.25 -18.41
C LYS F 137 -44.24 4.89 -17.08
N LEU F 138 -43.39 4.72 -16.06
CA LEU F 138 -43.59 5.37 -14.77
C LEU F 138 -43.54 6.89 -14.91
N ALA F 139 -42.56 7.38 -15.66
CA ALA F 139 -42.43 8.81 -15.92
C ALA F 139 -43.69 9.34 -16.59
N ALA F 140 -44.20 8.57 -17.55
CA ALA F 140 -45.47 8.89 -18.20
C ALA F 140 -46.58 8.99 -17.17
N GLU F 141 -46.65 7.99 -16.29
CA GLU F 141 -47.62 7.97 -15.19
C GLU F 141 -47.56 9.25 -14.36
N LYS F 142 -46.36 9.78 -14.16
CA LYS F 142 -46.18 10.96 -13.33
C LYS F 142 -46.56 12.24 -14.08
N ALA F 143 -46.14 12.39 -15.33
CA ALA F 143 -46.54 13.56 -16.12
C ALA F 143 -48.06 13.59 -16.30
N SER F 144 -48.67 12.42 -16.58
CA SER F 144 -50.13 12.32 -16.63
C SER F 144 -50.75 12.60 -15.26
N ARG F 145 -50.07 12.26 -14.18
CA ARG F 145 -50.60 12.48 -12.83
C ARG F 145 -50.81 13.97 -12.54
N ASP F 146 -49.90 14.81 -13.04
CA ASP F 146 -50.03 16.26 -12.91
C ASP F 146 -49.32 17.02 -14.03
N VAL G 1 -0.24 -30.77 -9.05
CA VAL G 1 -1.45 -30.07 -8.59
C VAL G 1 -1.67 -28.86 -9.49
N ASN G 2 -0.56 -28.20 -9.82
CA ASN G 2 -0.44 -27.44 -11.05
C ASN G 2 0.07 -28.48 -12.05
N PRO G 3 -0.37 -28.42 -13.32
CA PRO G 3 0.11 -29.45 -14.25
C PRO G 3 1.30 -28.99 -15.07
N LYS G 4 1.71 -27.74 -14.87
CA LYS G 4 2.85 -27.22 -15.61
C LYS G 4 4.17 -27.75 -15.01
N ARG G 5 5.16 -27.96 -15.86
CA ARG G 5 6.44 -28.50 -15.44
C ARG G 5 7.08 -27.63 -14.34
N SER G 6 7.14 -26.32 -14.61
CA SER G 6 7.66 -25.33 -13.67
C SER G 6 7.24 -25.58 -12.23
N ALA G 7 5.92 -25.66 -12.06
CA ALA G 7 5.32 -25.79 -10.75
C ALA G 7 5.75 -27.05 -10.01
N ASN G 8 5.80 -28.16 -10.74
CA ASN G 8 6.16 -29.43 -10.13
C ASN G 8 7.62 -29.46 -9.71
N ILE G 9 8.49 -28.86 -10.53
CA ILE G 9 9.88 -28.70 -10.14
C ILE G 9 10.00 -27.88 -8.84
N ASN G 10 9.27 -26.77 -8.80
CA ASN G 10 9.18 -25.95 -7.59
C ASN G 10 8.78 -26.75 -6.35
N LYS G 11 7.65 -27.44 -6.43
CA LYS G 11 7.24 -28.39 -5.41
C LYS G 11 8.41 -29.25 -4.94
N LEU G 12 9.06 -29.88 -5.91
CA LEU G 12 10.19 -30.74 -5.62
C LEU G 12 11.28 -30.05 -4.77
N ARG G 13 11.67 -28.82 -5.11
CA ARG G 13 12.63 -28.17 -4.20
C ARG G 13 12.03 -28.01 -2.82
N GLU G 14 10.82 -27.42 -2.73
CA GLU G 14 10.22 -27.13 -1.43
C GLU G 14 10.28 -28.36 -0.52
N SER G 15 10.02 -29.54 -1.11
CA SER G 15 10.08 -30.77 -0.34
C SER G 15 11.50 -31.08 0.09
N GLY G 16 12.44 -30.91 -0.84
CA GLY G 16 13.85 -31.04 -0.51
C GLY G 16 14.32 -30.18 0.67
N ASN G 17 13.90 -28.92 0.69
CA ASN G 17 14.20 -27.97 1.77
C ASN G 17 13.57 -28.37 3.09
N ALA G 18 12.28 -28.72 3.02
CA ALA G 18 11.61 -29.34 4.14
C ALA G 18 12.51 -30.40 4.78
N GLU G 19 12.77 -31.49 4.06
CA GLU G 19 13.67 -32.53 4.57
C GLU G 19 15.02 -32.00 5.06
N TYR G 20 15.51 -30.96 4.40
CA TYR G 20 16.80 -30.39 4.76
C TYR G 20 16.75 -29.70 6.15
N ARG G 21 15.62 -29.08 6.48
CA ARG G 21 15.54 -28.33 7.73
C ARG G 21 15.37 -29.32 8.86
N LYS G 22 14.75 -30.44 8.52
CA LYS G 22 14.70 -31.58 9.41
C LYS G 22 16.08 -32.24 9.45
N GLN G 23 16.99 -31.66 8.67
CA GLN G 23 18.39 -32.08 8.51
C GLN G 23 18.60 -33.59 8.44
N ARG G 24 17.77 -34.19 7.60
CA ARG G 24 18.01 -35.48 6.98
C ARG G 24 18.35 -35.20 5.51
N TYR G 25 19.55 -34.68 5.28
CA TYR G 25 19.98 -34.22 3.95
C TYR G 25 20.05 -35.36 2.92
N GLY G 26 20.19 -36.59 3.40
CA GLY G 26 20.19 -37.74 2.53
C GLY G 26 19.00 -37.76 1.59
N ASP G 27 17.82 -37.45 2.12
CA ASP G 27 16.59 -37.44 1.33
C ASP G 27 16.44 -36.13 0.54
N ALA G 28 16.90 -35.03 1.14
CA ALA G 28 16.85 -33.73 0.50
C ALA G 28 17.62 -33.70 -0.82
N ILE G 29 18.84 -34.24 -0.79
CA ILE G 29 19.69 -34.31 -1.97
C ILE G 29 18.98 -35.07 -3.07
N LYS G 30 18.34 -36.19 -2.69
CA LYS G 30 17.54 -36.98 -3.61
C LYS G 30 16.47 -36.11 -4.27
N LEU G 31 15.59 -35.51 -3.46
CA LEU G 31 14.52 -34.66 -4.00
C LEU G 31 15.04 -33.58 -4.93
N TYR G 32 16.21 -33.03 -4.60
CA TYR G 32 16.88 -32.06 -5.49
C TYR G 32 17.26 -32.69 -6.82
N THR G 33 17.78 -33.91 -6.79
CA THR G 33 18.11 -34.63 -8.02
C THR G 33 16.85 -34.89 -8.86
N LEU G 34 15.72 -35.16 -8.20
CA LEU G 34 14.46 -35.33 -8.93
C LEU G 34 14.02 -34.02 -9.62
N GLY G 35 14.04 -32.92 -8.87
CA GLY G 35 13.80 -31.63 -9.48
C GLY G 35 14.72 -31.38 -10.69
N LEU G 36 16.02 -31.60 -10.51
CA LEU G 36 16.96 -31.42 -11.61
C LEU G 36 16.66 -32.32 -12.81
N GLN G 37 16.22 -33.54 -12.56
CA GLN G 37 15.84 -34.42 -13.65
C GLN G 37 14.69 -33.77 -14.42
N MET G 38 13.66 -33.34 -13.71
CA MET G 38 12.51 -32.74 -14.40
C MET G 38 12.89 -31.45 -15.14
N ALA G 39 13.84 -30.69 -14.60
CA ALA G 39 14.19 -29.42 -15.21
C ALA G 39 15.05 -29.63 -16.45
N LEU G 40 16.08 -30.46 -16.33
CA LEU G 40 17.05 -30.64 -17.39
C LEU G 40 16.54 -31.43 -18.60
N THR G 41 15.41 -32.12 -18.45
CA THR G 41 14.85 -32.94 -19.52
C THR G 41 13.90 -32.15 -20.43
N ARG G 42 13.80 -30.85 -20.22
CA ARG G 42 12.94 -30.01 -21.06
C ARG G 42 13.50 -29.89 -22.47
N PRO G 43 12.67 -30.20 -23.48
CA PRO G 43 13.05 -30.09 -24.90
C PRO G 43 13.59 -28.70 -25.22
N ALA G 44 14.63 -28.63 -26.03
CA ALA G 44 15.30 -27.36 -26.32
C ALA G 44 14.36 -26.34 -26.94
N TRP G 45 13.32 -26.81 -27.61
CA TRP G 45 12.44 -25.91 -28.35
C TRP G 45 11.27 -25.41 -27.51
N GLU G 46 11.16 -25.94 -26.29
CA GLU G 46 10.17 -25.42 -25.34
C GLU G 46 10.70 -24.15 -24.67
N PRO G 47 9.78 -23.33 -24.12
CA PRO G 47 10.17 -22.07 -23.47
C PRO G 47 11.02 -22.31 -22.22
N ALA G 48 12.04 -21.49 -22.03
CA ALA G 48 13.14 -21.82 -21.13
C ALA G 48 13.20 -21.05 -19.80
N GLY G 49 12.12 -20.35 -19.45
CA GLY G 49 12.11 -19.56 -18.23
C GLY G 49 12.33 -20.40 -16.96
N LEU G 50 11.35 -21.26 -16.71
CA LEU G 50 11.34 -22.13 -15.54
C LEU G 50 12.63 -22.91 -15.38
N VAL G 51 13.16 -23.41 -16.50
CA VAL G 51 14.29 -24.31 -16.44
C VAL G 51 15.56 -23.62 -15.91
N ARG G 52 15.95 -22.49 -16.51
CA ARG G 52 17.13 -21.74 -16.07
C ARG G 52 16.97 -21.24 -14.65
N ASP G 53 15.77 -20.75 -14.33
CA ASP G 53 15.57 -20.26 -12.97
C ASP G 53 15.68 -21.36 -11.90
N GLU G 54 14.94 -22.44 -12.10
CA GLU G 54 14.92 -23.54 -11.15
C GLU G 54 16.28 -24.23 -10.98
N ILE G 55 16.97 -24.44 -12.10
CA ILE G 55 18.23 -25.19 -12.11
C ILE G 55 19.30 -24.60 -11.20
N HIS G 56 19.53 -23.28 -11.28
CA HIS G 56 20.57 -22.68 -10.44
C HIS G 56 20.26 -22.87 -8.96
N GLN G 57 18.97 -22.83 -8.60
CA GLN G 57 18.59 -23.03 -7.20
C GLN G 57 18.82 -24.48 -6.80
N LEU G 58 18.15 -25.42 -7.47
CA LEU G 58 18.32 -26.87 -7.24
C LEU G 58 19.81 -27.24 -7.07
N TYR G 59 20.63 -26.72 -7.97
CA TYR G 59 22.09 -26.91 -7.88
C TYR G 59 22.70 -26.34 -6.59
N SER G 60 22.55 -25.04 -6.36
CA SER G 60 23.06 -24.41 -5.12
C SER G 60 22.60 -25.11 -3.80
N ASN G 61 21.32 -25.42 -3.74
CA ASN G 61 20.74 -26.07 -2.57
C ASN G 61 21.30 -27.47 -2.40
N ARG G 62 21.48 -28.17 -3.51
CA ARG G 62 22.11 -29.48 -3.43
C ARG G 62 23.55 -29.32 -2.95
N ALA G 63 24.17 -28.19 -3.28
CA ALA G 63 25.49 -27.88 -2.74
C ALA G 63 25.40 -27.83 -1.20
N GLN G 64 24.55 -26.97 -0.63
CA GLN G 64 24.47 -26.87 0.85
C GLN G 64 24.16 -28.20 1.51
N ALA G 65 23.14 -28.89 0.98
CA ALA G 65 22.79 -30.22 1.47
C ALA G 65 23.99 -31.15 1.46
N TYR G 66 24.91 -30.92 0.52
CA TYR G 66 26.12 -31.72 0.45
C TYR G 66 27.20 -31.30 1.45
N MET G 67 27.39 -29.99 1.62
CA MET G 67 28.34 -29.46 2.58
C MET G 67 28.02 -29.92 4.00
N GLN G 68 26.74 -29.89 4.35
CA GLN G 68 26.31 -30.28 5.69
C GLN G 68 26.63 -31.74 6.01
N LEU G 69 26.81 -32.53 4.96
CA LEU G 69 27.24 -33.92 5.10
C LEU G 69 28.77 -34.03 5.06
N GLY G 70 29.43 -32.89 4.93
CA GLY G 70 30.88 -32.85 4.90
C GLY G 70 31.50 -33.29 3.59
N GLN G 71 30.67 -33.42 2.56
CA GLN G 71 31.13 -33.87 1.24
C GLN G 71 31.44 -32.67 0.35
N TRP G 72 32.64 -32.11 0.54
CA TRP G 72 33.02 -30.86 -0.11
C TRP G 72 33.10 -30.91 -1.64
N PRO G 73 33.72 -31.96 -2.23
CA PRO G 73 33.82 -31.96 -3.69
C PRO G 73 32.47 -31.91 -4.40
N GLU G 74 31.53 -32.72 -3.93
CA GLU G 74 30.19 -32.77 -4.51
C GLU G 74 29.55 -31.39 -4.48
N ALA G 75 29.65 -30.76 -3.32
CA ALA G 75 29.11 -29.42 -3.10
C ALA G 75 29.74 -28.43 -4.05
N ALA G 76 31.06 -28.53 -4.25
CA ALA G 76 31.80 -27.63 -5.11
C ALA G 76 31.35 -27.76 -6.56
N ALA G 77 31.21 -28.99 -7.03
CA ALA G 77 30.72 -29.25 -8.37
C ALA G 77 29.33 -28.67 -8.57
N ASP G 78 28.43 -28.99 -7.63
CA ASP G 78 27.05 -28.50 -7.70
C ASP G 78 26.95 -26.97 -7.70
N ALA G 79 27.59 -26.34 -6.73
CA ALA G 79 27.67 -24.88 -6.67
C ALA G 79 28.22 -24.30 -7.97
N GLU G 80 29.25 -24.95 -8.51
CA GLU G 80 29.81 -24.52 -9.79
C GLU G 80 28.76 -24.58 -10.90
N CYS G 81 28.01 -25.68 -10.96
CA CYS G 81 26.93 -25.79 -11.93
C CYS G 81 25.88 -24.67 -11.72
N SER G 82 25.66 -24.28 -10.47
CA SER G 82 24.77 -23.18 -10.17
C SER G 82 25.27 -21.87 -10.79
N VAL G 83 26.56 -21.61 -10.62
CA VAL G 83 27.19 -20.42 -11.19
C VAL G 83 27.15 -20.43 -12.71
N GLU G 84 27.36 -21.59 -13.31
CA GLU G 84 27.27 -21.74 -14.76
C GLU G 84 25.84 -21.47 -15.22
N ALA G 85 24.88 -21.81 -14.36
CA ALA G 85 23.47 -21.57 -14.65
C ALA G 85 23.09 -20.13 -14.35
N LYS G 86 23.46 -19.68 -13.15
CA LYS G 86 23.24 -18.30 -12.74
C LYS G 86 24.56 -17.67 -12.35
N ARG G 87 25.05 -16.76 -13.18
CA ARG G 87 26.33 -16.13 -12.95
C ARG G 87 26.18 -14.88 -12.09
N GLN G 88 25.27 -14.01 -12.51
CA GLN G 88 25.21 -12.65 -11.98
C GLN G 88 24.66 -12.52 -10.56
N GLY G 89 23.37 -12.78 -10.39
CA GLY G 89 22.71 -12.53 -9.11
C GLY G 89 22.80 -13.70 -8.15
N ASN G 90 23.78 -14.57 -8.39
CA ASN G 90 23.90 -15.80 -7.62
C ASN G 90 25.09 -15.79 -6.67
N ALA G 91 25.24 -14.68 -5.94
CA ALA G 91 26.36 -14.49 -5.02
C ALA G 91 26.54 -15.68 -4.08
N LYS G 92 25.42 -16.19 -3.56
CA LYS G 92 25.42 -17.30 -2.63
C LYS G 92 26.11 -18.57 -3.21
N ALA G 93 25.85 -18.87 -4.47
CA ALA G 93 26.48 -20.00 -5.17
C ALA G 93 28.02 -19.90 -5.15
N TRP G 94 28.51 -18.78 -5.69
CA TRP G 94 29.91 -18.37 -5.63
C TRP G 94 30.49 -18.66 -4.26
N TYR G 95 29.82 -18.11 -3.25
CA TYR G 95 30.18 -18.33 -1.87
C TYR G 95 30.41 -19.81 -1.54
N ARG G 96 29.36 -20.62 -1.70
CA ARG G 96 29.47 -22.05 -1.42
C ARG G 96 30.73 -22.66 -2.04
N ARG G 97 30.89 -22.46 -3.35
CA ARG G 97 32.03 -23.05 -4.06
C ARG G 97 33.36 -22.65 -3.42
N GLY G 98 33.53 -21.35 -3.20
CA GLY G 98 34.68 -20.87 -2.46
C GLY G 98 34.95 -21.64 -1.16
N LYS G 99 33.93 -21.69 -0.30
CA LYS G 99 34.06 -22.38 0.98
C LYS G 99 34.49 -23.86 0.83
N CYS G 100 33.86 -24.58 -0.11
CA CYS G 100 34.24 -25.97 -0.35
C CYS G 100 35.73 -26.05 -0.71
N LEU G 101 36.15 -25.19 -1.63
CA LEU G 101 37.56 -25.19 -2.05
C LEU G 101 38.49 -25.00 -0.87
N MET G 102 38.07 -24.19 0.10
CA MET G 102 38.93 -24.00 1.27
C MET G 102 38.94 -25.21 2.21
N GLU G 103 37.80 -25.87 2.38
CA GLU G 103 37.80 -27.10 3.19
C GLU G 103 38.70 -28.21 2.62
N MET G 104 38.89 -28.21 1.30
CA MET G 104 39.72 -29.22 0.63
C MET G 104 41.18 -28.78 0.54
N ARG G 105 41.53 -27.74 1.28
CA ARG G 105 42.87 -27.15 1.26
C ARG G 105 43.26 -26.63 -0.13
N ARG G 106 42.27 -26.17 -0.89
CA ARG G 106 42.51 -25.55 -2.20
C ARG G 106 42.29 -24.05 -2.08
N LEU G 107 43.12 -23.41 -1.26
CA LEU G 107 42.87 -22.04 -0.85
C LEU G 107 43.18 -20.99 -1.94
N GLN G 108 44.23 -21.23 -2.72
CA GLN G 108 44.57 -20.30 -3.79
C GLN G 108 43.45 -20.19 -4.82
N GLU G 109 42.95 -21.34 -5.27
CA GLU G 109 41.88 -21.35 -6.24
C GLU G 109 40.62 -20.74 -5.63
N ALA G 110 40.45 -20.92 -4.32
CA ALA G 110 39.35 -20.29 -3.61
C ALA G 110 39.44 -18.77 -3.77
N ARG G 111 40.61 -18.24 -3.42
CA ARG G 111 40.96 -16.82 -3.64
C ARG G 111 40.54 -16.33 -5.03
N GLU G 112 41.05 -16.98 -6.07
CA GLU G 112 40.72 -16.57 -7.44
C GLU G 112 39.24 -16.67 -7.77
N TRP G 113 38.61 -17.79 -7.42
CA TRP G 113 37.19 -17.98 -7.67
C TRP G 113 36.35 -16.87 -7.06
N VAL G 114 36.50 -16.66 -5.75
CA VAL G 114 35.80 -15.59 -5.06
C VAL G 114 36.05 -14.25 -5.73
N ALA G 115 37.29 -14.00 -6.12
CA ALA G 115 37.61 -12.79 -6.87
C ALA G 115 36.69 -12.66 -8.10
N ARG G 116 36.70 -13.70 -8.94
CA ARG G 116 35.89 -13.70 -10.16
C ARG G 116 34.40 -13.46 -9.85
N GLY G 117 33.94 -13.98 -8.71
CA GLY G 117 32.59 -13.68 -8.24
C GLY G 117 32.37 -12.23 -7.88
N LEU G 118 33.36 -11.64 -7.22
CA LEU G 118 33.35 -10.22 -6.88
C LEU G 118 33.22 -9.36 -8.13
N GLU G 119 33.93 -9.74 -9.18
CA GLU G 119 33.84 -9.03 -10.47
C GLU G 119 32.37 -8.95 -10.92
N PHE G 120 31.58 -9.95 -10.55
CA PHE G 120 30.15 -9.93 -10.80
C PHE G 120 29.41 -9.58 -9.50
N LYS G 125 27.49 -8.13 1.14
CA LYS G 125 28.94 -8.32 1.19
C LYS G 125 29.32 -9.72 1.61
N GLU G 126 28.49 -10.70 1.26
CA GLU G 126 28.76 -12.08 1.61
C GLU G 126 30.09 -12.56 1.06
N LEU G 127 30.42 -12.10 -0.14
CA LEU G 127 31.68 -12.49 -0.77
C LEU G 127 32.92 -11.94 -0.06
N ALA G 128 32.78 -10.77 0.54
CA ALA G 128 33.89 -10.08 1.19
C ALA G 128 34.49 -10.81 2.42
N GLU G 129 33.61 -11.21 3.34
CA GLU G 129 34.00 -12.04 4.50
C GLU G 129 34.87 -13.20 4.05
N LEU G 130 34.34 -13.91 3.07
CA LEU G 130 35.05 -15.01 2.42
C LEU G 130 36.45 -14.60 2.01
N LEU G 131 36.51 -13.61 1.14
CA LEU G 131 37.78 -13.13 0.58
C LEU G 131 38.84 -12.78 1.66
N LYS G 132 38.44 -12.04 2.68
CA LYS G 132 39.40 -11.68 3.74
C LYS G 132 39.81 -12.93 4.51
N GLU G 133 38.86 -13.83 4.76
CA GLU G 133 39.14 -15.09 5.44
C GLU G 133 40.24 -15.92 4.75
N ILE G 134 39.99 -16.31 3.50
CA ILE G 134 41.02 -16.97 2.69
C ILE G 134 42.34 -16.20 2.71
N ASP G 135 42.28 -14.87 2.61
CA ASP G 135 43.50 -14.06 2.73
C ASP G 135 44.27 -14.32 4.04
N SER G 136 43.56 -14.33 5.16
CA SER G 136 44.16 -14.62 6.45
C SER G 136 44.88 -15.98 6.45
N LYS G 137 44.21 -17.03 5.99
CA LYS G 137 44.85 -18.35 6.01
C LYS G 137 46.08 -18.39 5.07
N LEU G 138 45.95 -17.75 3.92
CA LEU G 138 47.03 -17.65 2.94
C LEU G 138 48.29 -17.01 3.52
N ALA G 139 48.13 -15.87 4.18
CA ALA G 139 49.24 -15.17 4.80
C ALA G 139 49.83 -15.96 5.98
N ALA G 140 48.95 -16.45 6.85
CA ALA G 140 49.35 -17.17 8.06
C ALA G 140 50.17 -18.43 7.79
N GLU G 141 49.78 -19.17 6.75
CA GLU G 141 50.42 -20.44 6.43
C GLU G 141 51.92 -20.32 6.14
N LYS G 142 52.29 -19.34 5.31
CA LYS G 142 53.69 -19.08 4.98
C LYS G 142 54.54 -18.91 6.24
N ALA G 143 54.11 -18.01 7.10
CA ALA G 143 54.78 -17.74 8.38
C ALA G 143 54.92 -19.00 9.24
N SER G 144 53.78 -19.62 9.55
CA SER G 144 53.77 -20.83 10.37
C SER G 144 54.73 -21.91 9.87
N ARG G 145 54.71 -22.15 8.56
CA ARG G 145 55.54 -23.22 8.02
C ARG G 145 57.01 -22.84 7.92
N ASP G 146 57.30 -21.58 7.58
CA ASP G 146 58.69 -21.16 7.43
C ASP G 146 59.42 -21.14 8.78
N ALA G 147 58.72 -20.72 9.84
CA ALA G 147 59.37 -20.54 11.15
C ALA G 147 60.02 -21.82 11.66
N HIS G 148 59.20 -22.82 11.96
CA HIS G 148 59.68 -24.10 12.51
C HIS G 148 58.79 -25.26 12.06
N LYS H 4 47.40 25.39 13.07
CA LYS H 4 46.67 26.61 13.44
C LYS H 4 45.91 27.17 12.24
N ARG H 5 46.50 27.05 11.06
CA ARG H 5 45.92 27.63 9.86
C ARG H 5 44.57 27.01 9.50
N SER H 6 44.52 25.68 9.38
CA SER H 6 43.28 25.00 9.00
C SER H 6 42.15 25.29 9.99
N ALA H 7 42.52 25.51 11.25
CA ALA H 7 41.53 25.85 12.26
C ALA H 7 40.90 27.20 11.95
N ASN H 8 41.72 28.18 11.59
CA ASN H 8 41.24 29.51 11.28
C ASN H 8 40.47 29.57 9.96
N ILE H 9 40.87 28.73 9.01
CA ILE H 9 40.09 28.59 7.79
C ILE H 9 38.72 28.03 8.12
N ASN H 10 38.69 26.99 8.94
CA ASN H 10 37.47 26.42 9.51
C ASN H 10 36.57 27.50 10.08
N LYS H 11 37.12 28.28 10.99
CA LYS H 11 36.40 29.39 11.60
C LYS H 11 35.80 30.31 10.56
N LEU H 12 36.61 30.74 9.60
CA LEU H 12 36.13 31.57 8.50
C LEU H 12 34.97 30.95 7.72
N ARG H 13 35.08 29.68 7.37
CA ARG H 13 34.02 29.04 6.61
C ARG H 13 32.72 28.99 7.42
N GLU H 14 32.81 28.54 8.67
CA GLU H 14 31.63 28.49 9.52
C GLU H 14 31.02 29.86 9.71
N SER H 15 31.86 30.89 9.89
CA SER H 15 31.39 32.25 10.03
C SER H 15 30.63 32.70 8.78
N GLY H 16 31.16 32.29 7.63
CA GLY H 16 30.51 32.54 6.36
C GLY H 16 29.16 31.86 6.30
N ASN H 17 29.08 30.63 6.78
CA ASN H 17 27.81 29.93 6.91
C ASN H 17 26.83 30.71 7.77
N ALA H 18 27.34 31.27 8.86
CA ALA H 18 26.51 32.01 9.78
C ALA H 18 25.88 33.20 9.07
N GLU H 19 26.71 34.03 8.45
CA GLU H 19 26.17 35.23 7.81
C GLU H 19 25.41 34.86 6.53
N TYR H 20 25.58 33.62 6.08
CA TYR H 20 24.81 33.11 4.95
C TYR H 20 23.39 32.76 5.38
N ARG H 21 23.26 32.07 6.51
CA ARG H 21 21.97 31.66 7.04
C ARG H 21 21.16 32.87 7.42
N LYS H 22 21.84 33.97 7.74
CA LYS H 22 21.18 35.24 8.04
C LYS H 22 20.76 35.97 6.77
N GLN H 23 20.85 35.28 5.63
CA GLN H 23 20.46 35.83 4.33
C GLN H 23 21.29 37.06 3.91
N ARG H 24 22.48 37.18 4.49
CA ARG H 24 23.42 38.20 4.06
C ARG H 24 24.50 37.54 3.21
N TYR H 25 24.23 37.44 1.91
CA TYR H 25 25.06 36.66 1.00
C TYR H 25 26.39 37.32 0.66
N GLY H 26 26.37 38.64 0.52
CA GLY H 26 27.57 39.39 0.19
C GLY H 26 28.69 39.11 1.18
N ASP H 27 28.38 39.26 2.46
CA ASP H 27 29.38 39.06 3.50
C ASP H 27 29.82 37.59 3.56
N ALA H 28 28.89 36.69 3.28
CA ALA H 28 29.20 35.27 3.27
C ALA H 28 30.25 34.97 2.20
N ILE H 29 30.02 35.51 1.01
CA ILE H 29 30.96 35.36 -0.09
C ILE H 29 32.30 35.96 0.28
N LYS H 30 32.28 37.17 0.83
CA LYS H 30 33.51 37.83 1.23
C LYS H 30 34.30 37.04 2.29
N LEU H 31 33.59 36.22 3.06
CA LEU H 31 34.26 35.39 4.07
C LEU H 31 34.81 34.10 3.47
N TYR H 32 34.01 33.43 2.64
CA TYR H 32 34.44 32.24 1.93
C TYR H 32 35.70 32.55 1.14
N THR H 33 35.66 33.66 0.39
CA THR H 33 36.79 34.12 -0.40
C THR H 33 38.06 34.21 0.44
N LEU H 34 37.93 34.70 1.68
CA LEU H 34 39.10 34.82 2.54
C LEU H 34 39.57 33.46 3.06
N GLY H 35 38.63 32.56 3.29
CA GLY H 35 38.99 31.19 3.65
C GLY H 35 39.82 30.60 2.52
N LEU H 36 39.33 30.79 1.31
CA LEU H 36 40.01 30.35 0.11
C LEU H 36 41.41 30.92 0.06
N GLN H 37 41.54 32.22 0.29
CA GLN H 37 42.86 32.84 0.25
C GLN H 37 43.81 32.19 1.25
N MET H 38 43.38 32.07 2.50
CA MET H 38 44.15 31.34 3.49
C MET H 38 44.58 29.93 3.05
N ALA H 39 43.66 29.18 2.46
CA ALA H 39 43.96 27.83 2.02
C ALA H 39 45.00 27.82 0.90
N LEU H 40 44.86 28.75 -0.02
CA LEU H 40 45.65 28.74 -1.26
C LEU H 40 47.01 29.39 -1.12
N THR H 41 47.16 30.22 -0.10
CA THR H 41 48.42 30.92 0.15
C THR H 41 49.35 30.06 1.00
N ARG H 42 48.94 28.83 1.29
CA ARG H 42 49.83 27.97 2.06
C ARG H 42 51.07 27.60 1.26
N PRO H 43 52.25 27.86 1.86
CA PRO H 43 53.55 27.44 1.33
C PRO H 43 53.55 25.97 0.93
N ALA H 44 54.36 25.63 -0.08
CA ALA H 44 54.38 24.28 -0.60
C ALA H 44 55.00 23.30 0.40
N TRP H 45 55.84 23.82 1.28
CA TRP H 45 56.68 22.96 2.11
C TRP H 45 56.12 22.75 3.51
N GLU H 46 54.80 22.85 3.65
CA GLU H 46 54.16 22.46 4.88
C GLU H 46 52.88 21.71 4.53
N PRO H 47 52.51 20.70 5.33
CA PRO H 47 51.57 19.62 4.95
C PRO H 47 50.36 20.07 4.13
N ARG H 52 44.60 23.39 4.38
CA ARG H 52 43.86 23.16 3.14
C ARG H 52 42.98 21.91 3.20
N ASP H 53 42.11 21.82 4.21
CA ASP H 53 41.16 20.72 4.31
C ASP H 53 39.88 21.04 3.49
N GLU H 54 39.57 22.34 3.46
CA GLU H 54 38.27 22.92 3.11
C GLU H 54 37.95 23.10 1.63
N ILE H 55 38.99 23.28 0.82
CA ILE H 55 38.85 24.00 -0.44
C ILE H 55 37.57 23.68 -1.22
N HIS H 56 37.25 22.40 -1.36
CA HIS H 56 36.05 22.02 -2.09
C HIS H 56 34.79 22.54 -1.43
N GLN H 57 34.79 22.53 -0.10
CA GLN H 57 33.68 23.07 0.67
C GLN H 57 33.53 24.58 0.46
N LEU H 58 34.62 25.32 0.68
CA LEU H 58 34.64 26.77 0.46
C LEU H 58 34.08 27.12 -0.93
N TYR H 59 34.54 26.37 -1.93
CA TYR H 59 34.12 26.59 -3.30
C TYR H 59 32.62 26.34 -3.50
N SER H 60 32.16 25.17 -3.09
CA SER H 60 30.74 24.82 -3.19
C SER H 60 29.79 25.84 -2.49
N ASN H 61 30.17 26.18 -1.28
CA ASN H 61 29.38 27.07 -0.45
C ASN H 61 29.30 28.46 -1.07
N ARG H 62 30.47 28.99 -1.44
CA ARG H 62 30.49 30.27 -2.14
C ARG H 62 29.66 30.23 -3.42
N ALA H 63 29.74 29.10 -4.13
CA ALA H 63 28.86 28.86 -5.27
C ALA H 63 27.42 29.18 -4.93
N GLN H 64 26.88 28.46 -3.92
CA GLN H 64 25.53 28.68 -3.35
C GLN H 64 25.23 30.17 -3.09
N ALA H 65 26.06 30.89 -2.33
CA ALA H 65 25.76 32.30 -2.03
C ALA H 65 25.57 33.04 -3.37
N TYR H 66 26.46 32.78 -4.31
CA TYR H 66 26.29 33.31 -5.65
C TYR H 66 24.93 32.94 -6.27
N MET H 67 24.56 31.66 -6.22
CA MET H 67 23.26 31.21 -6.73
C MET H 67 22.11 32.03 -6.16
N GLN H 68 22.08 32.17 -4.83
CA GLN H 68 21.05 32.92 -4.13
C GLN H 68 21.06 34.41 -4.51
N LEU H 69 22.19 34.89 -5.02
CA LEU H 69 22.18 36.27 -5.51
C LEU H 69 21.80 36.41 -6.99
N GLY H 70 21.69 35.28 -7.68
CA GLY H 70 21.27 35.31 -9.07
C GLY H 70 22.43 35.48 -10.03
N GLN H 71 23.62 35.13 -9.56
CA GLN H 71 24.83 35.22 -10.35
C GLN H 71 25.38 33.82 -10.64
N TRP H 72 24.86 33.22 -11.71
CA TRP H 72 25.12 31.81 -12.03
C TRP H 72 26.52 31.45 -12.56
N PRO H 73 27.11 32.29 -13.46
CA PRO H 73 28.42 31.91 -13.99
C PRO H 73 29.50 31.71 -12.93
N GLU H 74 29.59 32.67 -12.01
CA GLU H 74 30.56 32.61 -10.93
C GLU H 74 30.35 31.36 -10.08
N ALA H 75 29.08 31.05 -9.81
CA ALA H 75 28.75 29.88 -9.03
C ALA H 75 29.14 28.59 -9.77
N ALA H 76 28.97 28.58 -11.08
CA ALA H 76 29.37 27.45 -11.90
C ALA H 76 30.87 27.26 -11.81
N ALA H 77 31.60 28.37 -11.86
CA ALA H 77 33.05 28.37 -11.76
C ALA H 77 33.51 27.79 -10.42
N ASP H 78 32.94 28.32 -9.34
CA ASP H 78 33.24 27.84 -8.00
C ASP H 78 32.93 26.34 -7.82
N ALA H 79 31.76 25.93 -8.28
CA ALA H 79 31.37 24.52 -8.18
C ALA H 79 32.34 23.65 -8.97
N GLU H 80 32.77 24.15 -10.12
CA GLU H 80 33.70 23.42 -10.96
C GLU H 80 35.07 23.29 -10.30
N CYS H 81 35.49 24.35 -9.61
CA CYS H 81 36.73 24.30 -8.86
C CYS H 81 36.61 23.32 -7.70
N SER H 82 35.42 23.26 -7.12
CA SER H 82 35.13 22.37 -6.00
C SER H 82 35.26 20.93 -6.47
N VAL H 83 34.73 20.67 -7.64
CA VAL H 83 34.82 19.35 -8.26
C VAL H 83 36.29 19.04 -8.61
N GLU H 84 37.01 20.04 -9.10
CA GLU H 84 38.41 19.88 -9.42
C GLU H 84 39.23 19.50 -8.19
N ALA H 85 38.84 20.03 -7.03
CA ALA H 85 39.51 19.75 -5.78
C ALA H 85 39.05 18.41 -5.21
N LYS H 86 37.76 18.14 -5.35
CA LYS H 86 37.18 16.89 -4.90
C LYS H 86 36.11 16.43 -5.88
N ARG H 87 36.43 15.39 -6.65
CA ARG H 87 35.50 14.87 -7.66
C ARG H 87 34.60 13.79 -7.08
N GLN H 88 35.16 12.88 -6.28
CA GLN H 88 34.34 11.80 -5.74
C GLN H 88 33.96 12.04 -4.29
N GLY H 89 32.66 12.19 -4.05
CA GLY H 89 32.14 12.45 -2.72
C GLY H 89 31.82 13.93 -2.52
N ASN H 90 31.22 14.53 -3.54
CA ASN H 90 31.03 15.97 -3.56
C ASN H 90 29.75 16.34 -4.31
N ALA H 91 28.69 15.59 -4.03
CA ALA H 91 27.44 15.63 -4.79
C ALA H 91 26.86 17.05 -4.94
N LYS H 92 26.89 17.79 -3.83
CA LYS H 92 26.43 19.17 -3.79
C LYS H 92 27.06 20.04 -4.89
N ALA H 93 28.37 19.94 -5.05
CA ALA H 93 29.10 20.72 -6.04
C ALA H 93 28.59 20.46 -7.47
N TRP H 94 28.56 19.19 -7.88
CA TRP H 94 27.93 18.80 -9.14
C TRP H 94 26.59 19.45 -9.29
N TYR H 95 25.69 19.17 -8.36
CA TYR H 95 24.35 19.74 -8.45
C TYR H 95 24.46 21.22 -8.78
N ARG H 96 25.15 21.97 -7.92
CA ARG H 96 25.20 23.41 -8.05
C ARG H 96 25.64 23.80 -9.45
N ARG H 97 26.69 23.16 -9.96
CA ARG H 97 27.13 23.48 -11.32
C ARG H 97 26.11 23.07 -12.38
N GLY H 98 25.37 21.99 -12.12
CA GLY H 98 24.42 21.44 -13.06
C GLY H 98 23.22 22.36 -13.23
N LYS H 99 22.59 22.71 -12.12
CA LYS H 99 21.53 23.70 -12.12
C LYS H 99 22.03 25.05 -12.66
N CYS H 100 23.24 25.45 -12.24
CA CYS H 100 23.88 26.67 -12.76
C CYS H 100 24.00 26.64 -14.28
N LEU H 101 24.21 25.44 -14.81
CA LEU H 101 24.31 25.23 -16.24
C LEU H 101 22.94 25.35 -16.89
N MET H 102 21.93 24.75 -16.27
CA MET H 102 20.54 24.99 -16.66
C MET H 102 20.27 26.49 -16.83
N GLU H 103 20.84 27.30 -15.94
CA GLU H 103 20.66 28.73 -16.05
C GLU H 103 21.32 29.31 -17.30
N MET H 104 22.36 28.64 -17.78
CA MET H 104 23.10 29.14 -18.94
C MET H 104 22.55 28.57 -20.24
N ARG H 105 21.50 27.75 -20.11
CA ARG H 105 20.83 27.11 -21.25
C ARG H 105 21.77 26.18 -22.02
N ARG H 106 22.92 25.88 -21.44
CA ARG H 106 23.81 24.88 -22.00
C ARG H 106 23.39 23.51 -21.49
N LEU H 107 22.17 23.12 -21.87
CA LEU H 107 21.56 21.90 -21.38
C LEU H 107 22.33 20.66 -21.80
N GLN H 108 23.14 20.80 -22.85
CA GLN H 108 24.03 19.72 -23.27
C GLN H 108 25.16 19.61 -22.26
N GLU H 109 25.69 20.77 -21.88
CA GLU H 109 26.78 20.82 -20.91
C GLU H 109 26.28 20.35 -19.55
N ALA H 110 25.03 20.68 -19.23
CA ALA H 110 24.42 20.23 -17.99
C ALA H 110 24.18 18.73 -18.02
N ARG H 111 23.67 18.26 -19.16
CA ARG H 111 23.42 16.84 -19.38
C ARG H 111 24.68 16.04 -19.11
N GLU H 112 25.73 16.38 -19.85
CA GLU H 112 26.99 15.68 -19.70
C GLU H 112 27.59 15.90 -18.31
N TRP H 113 27.38 17.06 -17.71
CA TRP H 113 27.93 17.33 -16.39
C TRP H 113 27.33 16.42 -15.32
N VAL H 114 26.01 16.23 -15.38
CA VAL H 114 25.32 15.37 -14.43
C VAL H 114 25.60 13.90 -14.73
N ALA H 115 25.83 13.59 -16.01
CA ALA H 115 26.24 12.24 -16.38
C ALA H 115 27.60 11.89 -15.79
N ARG H 116 28.60 12.69 -16.17
CA ARG H 116 29.95 12.62 -15.60
C ARG H 116 29.86 12.46 -14.09
N GLY H 117 29.17 13.40 -13.46
CA GLY H 117 28.97 13.34 -12.03
C GLY H 117 28.45 12.00 -11.55
N LEU H 118 27.40 11.52 -12.19
CA LEU H 118 26.77 10.27 -11.77
C LEU H 118 27.73 9.08 -11.91
N GLU H 119 28.67 9.18 -12.82
CA GLU H 119 29.71 8.15 -12.88
C GLU H 119 30.74 8.38 -11.77
N PHE H 120 30.81 9.61 -11.25
CA PHE H 120 31.84 9.89 -10.24
C PHE H 120 31.39 9.76 -8.77
N GLU H 121 30.31 9.03 -8.54
CA GLU H 121 29.87 8.69 -7.18
C GLU H 121 29.64 9.92 -6.30
N GLU H 124 23.11 11.33 -4.38
CA GLU H 124 22.42 10.26 -5.10
C GLU H 124 21.16 10.81 -5.77
N LYS H 125 20.14 11.10 -4.96
CA LYS H 125 18.84 11.53 -5.45
C LYS H 125 18.86 12.88 -6.18
N GLU H 126 19.58 13.85 -5.60
CA GLU H 126 19.67 15.21 -6.12
C GLU H 126 20.19 15.26 -7.57
N LEU H 127 21.21 14.45 -7.87
CA LEU H 127 21.73 14.27 -9.23
C LEU H 127 20.65 13.86 -10.22
N ALA H 128 19.98 12.75 -9.88
CA ALA H 128 18.82 12.27 -10.63
C ALA H 128 17.81 13.38 -10.90
N GLU H 129 17.39 14.08 -9.85
CA GLU H 129 16.45 15.20 -9.99
C GLU H 129 16.90 16.23 -10.99
N LEU H 130 18.14 16.68 -10.86
CA LEU H 130 18.64 17.69 -11.77
C LEU H 130 18.55 17.17 -13.20
N LEU H 131 19.16 15.99 -13.41
CA LEU H 131 19.11 15.30 -14.70
C LEU H 131 17.68 15.32 -15.27
N LYS H 132 16.70 14.85 -14.49
CA LYS H 132 15.30 14.79 -14.94
C LYS H 132 14.70 16.16 -15.22
N GLU H 133 14.90 17.10 -14.31
CA GLU H 133 14.50 18.48 -14.55
C GLU H 133 14.94 18.90 -15.96
N ILE H 134 16.24 18.74 -16.28
CA ILE H 134 16.82 19.23 -17.53
C ILE H 134 16.68 18.28 -18.73
N ASP H 135 16.14 17.08 -18.54
CA ASP H 135 16.04 16.09 -19.63
C ASP H 135 14.61 15.98 -20.11
N SER H 136 13.71 16.14 -19.15
CA SER H 136 12.32 16.37 -19.43
C SER H 136 12.28 17.74 -20.08
N LYS H 137 12.93 18.70 -19.40
CA LYS H 137 13.17 20.02 -19.99
C LYS H 137 13.86 19.92 -21.35
N LEU H 138 14.82 19.03 -21.52
CA LEU H 138 15.59 18.94 -22.76
C LEU H 138 14.72 18.47 -23.91
N ALA H 139 14.20 17.24 -23.81
CA ALA H 139 13.22 16.71 -24.76
C ALA H 139 12.15 17.76 -25.10
N ALA H 140 11.66 18.47 -24.10
CA ALA H 140 10.69 19.54 -24.33
C ALA H 140 11.25 20.71 -25.14
N GLU H 141 12.45 21.17 -24.80
CA GLU H 141 13.13 22.25 -25.52
C GLU H 141 13.38 21.80 -26.96
N LYS H 142 13.57 20.50 -27.15
CA LYS H 142 13.75 19.93 -28.48
C LYS H 142 12.42 19.91 -29.25
N THR I 2 26.90 34.97 27.49
CA THR I 2 27.04 35.77 26.27
C THR I 2 25.68 35.92 25.58
N VAL I 3 25.49 37.03 24.88
CA VAL I 3 24.18 37.30 24.28
C VAL I 3 23.85 36.31 23.15
N GLU I 4 24.88 35.79 22.51
CA GLU I 4 24.68 34.89 21.37
C GLU I 4 23.97 33.60 21.74
N GLU I 5 24.24 33.06 22.92
CA GLU I 5 23.56 31.82 23.30
C GLU I 5 22.27 32.08 24.05
N VAL I 6 21.57 30.99 24.33
CA VAL I 6 20.20 31.03 24.75
C VAL I 6 20.02 30.19 26.01
N ASP I 7 19.33 30.75 26.99
CA ASP I 7 19.05 30.02 28.22
C ASP I 7 17.58 29.65 28.23
N PRO J 1 -35.05 -10.20 -30.57
CA PRO J 1 -34.05 -11.28 -30.54
C PRO J 1 -34.28 -12.35 -29.45
N THR J 2 -33.28 -12.61 -28.62
CA THR J 2 -33.24 -13.78 -27.73
C THR J 2 -34.40 -14.00 -26.76
N VAL J 3 -34.93 -12.95 -26.14
CA VAL J 3 -35.90 -13.17 -25.06
C VAL J 3 -37.11 -14.03 -25.46
N GLU J 4 -37.56 -13.91 -26.71
CA GLU J 4 -38.73 -14.66 -27.18
C GLU J 4 -38.33 -16.06 -27.64
N GLU J 5 -37.04 -16.34 -27.61
CA GLU J 5 -36.56 -17.68 -27.92
C GLU J 5 -36.43 -18.56 -26.67
N VAL J 6 -36.55 -19.87 -26.88
CA VAL J 6 -36.62 -20.81 -25.79
C VAL J 6 -35.38 -21.71 -25.82
N ASP J 7 -34.73 -21.89 -24.67
CA ASP J 7 -33.42 -22.56 -24.62
C ASP J 7 -33.48 -24.07 -24.41
N PRO K 1 23.02 -15.63 9.32
CA PRO K 1 23.46 -16.82 8.60
C PRO K 1 22.59 -17.16 7.40
N THR K 2 22.43 -16.22 6.48
CA THR K 2 21.68 -16.44 5.25
C THR K 2 22.34 -17.52 4.40
N VAL K 3 23.64 -17.71 4.61
CA VAL K 3 24.44 -18.62 3.78
C VAL K 3 24.09 -20.10 3.95
N GLU K 4 23.72 -20.52 5.16
CA GLU K 4 23.34 -21.91 5.36
C GLU K 4 21.81 -22.13 5.26
N GLU K 5 21.09 -21.07 4.89
CA GLU K 5 19.68 -21.15 4.54
C GLU K 5 19.56 -21.71 3.11
N VAL K 6 18.49 -22.44 2.80
CA VAL K 6 18.48 -23.20 1.55
C VAL K 6 17.71 -22.53 0.40
N ASP K 7 16.56 -21.94 0.71
CA ASP K 7 15.65 -21.35 -0.28
C ASP K 7 14.89 -22.40 -1.11
N THR L 2 1.07 12.61 -13.16
CA THR L 2 -0.32 12.77 -13.57
C THR L 2 -1.24 12.89 -12.34
N VAL L 3 -1.35 11.82 -11.55
CA VAL L 3 -2.00 11.91 -10.24
C VAL L 3 -1.14 12.78 -9.34
N GLU L 4 0.15 12.75 -9.61
CA GLU L 4 1.12 13.61 -8.95
C GLU L 4 0.80 15.09 -9.20
N GLU L 5 0.33 15.38 -10.42
CA GLU L 5 0.01 16.75 -10.78
C GLU L 5 -1.04 17.35 -9.86
N VAL L 6 -0.75 18.54 -9.33
CA VAL L 6 -1.71 19.27 -8.50
C VAL L 6 -2.61 20.13 -9.37
N ASP L 7 -3.91 20.03 -9.12
CA ASP L 7 -4.87 20.89 -9.77
C ASP L 7 -4.82 22.26 -9.11
N VAL M 3 -6.45 -6.67 31.86
CA VAL M 3 -5.91 -5.55 31.10
C VAL M 3 -6.65 -4.25 31.44
N GLU M 4 -6.36 -3.74 32.63
CA GLU M 4 -6.82 -2.42 33.04
C GLU M 4 -5.60 -1.49 33.04
N GLU M 5 -4.61 -1.84 32.24
CA GLU M 5 -3.41 -1.05 32.11
C GLU M 5 -3.51 -0.07 30.94
N VAL M 6 -2.71 0.99 31.01
CA VAL M 6 -2.76 2.05 30.01
C VAL M 6 -2.05 1.62 28.72
N ASP M 7 -2.59 2.07 27.59
CA ASP M 7 -2.01 1.72 26.29
C ASP M 7 -1.09 2.81 25.75
#